data_7BTW
#
_entry.id   7BTW
#
loop_
_entity.id
_entity.type
_entity.pdbx_description
1 polymer 'Mitochondrial outer membrane beta-barrel protein'
2 polymer 'Sorting assembly machinery 35 kDa subunit'
3 polymer 'SAM37 isoform 1'
#
loop_
_entity_poly.entity_id
_entity_poly.type
_entity_poly.pdbx_seq_one_letter_code
_entity_poly.pdbx_strand_id
1 'polypeptide(L)'
;TFTAKTGTNFGNDNDAEAYLQFEKLIDKKYLKLPTRVNLEILRGTKIHSSFLFNSYSSLSPQSILNLKVFSQFYNWNTNK
GLDIGQRGARLSLRYEPLFLHKLLHNPHSNESPTLFHEWFLETCWRSTKICSQGTSAPYMYSGTMLSQAGDQLRTILGHT
FVLDKRDHIMCPTKGSMLKWSNELSPGKHLKTQLELNSVKSWMNDDFITFSTTIKTGYLKNLSSQQSLPVHICDKFQSGG
PSDIRGFQTFGLGPRDLYDAVGGDAFVSYGLSVFSRLPWKKVEKSNFRLHWFFNGGKLVNHDNTSLGNCIGQLSKEHSTS
TGIGLVLRHPMARFELNFTLPITAHENDLIRKGFQFGLGLAFL
;
A,D
2 'polypeptide(L)'
;MVSSFSVPMPVKRIFDTFPLQTYAAQTDKDEAVALEIQRRSYTFTERGGGSSELTVEGTYKLGVYNVFLEANTGAALATD
PWCLFVQLALCQKNGLVLPTHSQEQTPSHTCNHEMLVLSRLSNPDEALPILVEGYKKRIIRSTVAISEIMRSRILDDAEQ
LMYYTLLDTVLYDCWITQIIFCASDAQFMELYSCQKLSGSIVTPLDVENSLLQKLSAKSLKISLTKRNKFQFRHREIVKS
MQGVYHNHHNSVNQEQVLNVLFENSKQVLLGLKDMLKSDGQPTYLHLKIASYILCITNVKEPIKLKTFVENECKELVQFA
QDTLKNFVQ
;
B
3 'polypeptide(L)'
;MVKGSVHLWGKDGEASLISVDSIALVWFIKLCTSEEAKSMVAGLQIVFSNNTDLSSDGKLPVLILDNGTKVSGYVNIVQF
LHKNICTSKYEKGTDYEEDLAIVGKKDRLLEYSLLNYVDVEISRLTDYQLFLNTKNYNEYTKKLFSKLLYFPMWYNTPLQ
LRSQARENCEEIIGSLTLEDDEEFVESKAMESASQLAQSKTFKIAHKNKIKGKQELQQVKYNLQFDNRLQSCVSNWLAAR
KKLDDSVILSSDLLFLANLYVQLGLPDGNRIRSKLEQTFGSELLNSMSNKIDDFVHRPSNNLEQRDPQFREQGNVVMSLY
NLACKYI
;
C
#
# COMPACT_ATOMS: atom_id res chain seq x y z
N THR A 1 3.41 -34.94 -11.29
CA THR A 1 4.22 -34.35 -12.35
C THR A 1 3.93 -32.85 -12.43
N PHE A 2 2.74 -32.43 -11.98
CA PHE A 2 2.50 -31.02 -11.76
C PHE A 2 2.21 -30.69 -10.31
N THR A 3 1.20 -31.31 -9.71
CA THR A 3 0.95 -31.35 -8.27
C THR A 3 0.87 -29.96 -7.61
N ALA A 4 -0.13 -29.19 -8.03
CA ALA A 4 -0.42 -27.94 -7.35
C ALA A 4 -0.94 -28.23 -5.95
N LYS A 5 -0.24 -27.73 -4.94
CA LYS A 5 -0.47 -28.12 -3.56
C LYS A 5 -0.68 -26.89 -2.68
N THR A 6 -1.13 -27.12 -1.46
CA THR A 6 -1.41 -26.05 -0.50
C THR A 6 -0.93 -26.55 0.86
N GLY A 7 -1.13 -25.74 1.90
CA GLY A 7 -0.78 -26.10 3.25
C GLY A 7 -0.40 -24.88 4.06
N THR A 8 0.35 -25.12 5.15
CA THR A 8 0.75 -24.08 6.09
C THR A 8 2.06 -24.52 6.76
N ASN A 9 3.04 -23.62 6.78
CA ASN A 9 4.36 -23.95 7.31
C ASN A 9 4.56 -23.52 8.76
N PHE A 10 3.60 -22.78 9.33
CA PHE A 10 3.53 -22.46 10.77
C PHE A 10 4.76 -21.67 11.24
N GLY A 11 4.72 -20.33 11.02
CA GLY A 11 5.77 -19.31 11.29
C GLY A 11 6.30 -18.99 12.67
N ASN A 12 7.01 -17.93 12.92
CA ASN A 12 7.70 -17.83 14.21
C ASN A 12 6.82 -17.57 15.41
N ASP A 13 5.99 -16.56 15.50
CA ASP A 13 5.20 -16.31 16.69
C ASP A 13 3.74 -16.67 16.68
N ASN A 14 3.42 -17.94 16.76
CA ASN A 14 2.22 -18.66 16.86
C ASN A 14 1.82 -18.43 15.64
N ASP A 15 2.51 -17.88 14.72
CA ASP A 15 1.89 -17.43 13.49
C ASP A 15 1.89 -18.54 12.44
N ALA A 16 1.44 -18.19 11.23
CA ALA A 16 1.25 -19.17 10.16
C ALA A 16 1.35 -18.51 8.80
N GLU A 17 2.07 -19.16 7.87
CA GLU A 17 2.11 -18.73 6.48
C GLU A 17 1.27 -19.68 5.63
N ALA A 18 0.23 -19.16 5.01
CA ALA A 18 -0.52 -19.95 4.03
C ALA A 18 0.18 -19.85 2.69
N TYR A 19 0.43 -21.00 2.05
CA TYR A 19 1.24 -21.03 0.85
C TYR A 19 0.54 -21.82 -0.24
N LEU A 20 0.94 -21.57 -1.48
CA LEU A 20 0.42 -22.26 -2.65
C LEU A 20 1.58 -22.55 -3.59
N GLN A 21 1.83 -23.82 -3.85
CA GLN A 21 3.04 -24.25 -4.52
C GLN A 21 2.69 -25.04 -5.79
N PHE A 22 3.40 -24.73 -6.86
CA PHE A 22 3.37 -25.51 -8.10
C PHE A 22 4.68 -26.28 -8.22
N GLU A 23 4.73 -27.21 -9.17
CA GLU A 23 5.85 -28.12 -9.27
C GLU A 23 5.88 -28.68 -10.68
N LYS A 24 7.06 -29.15 -11.10
CA LYS A 24 7.17 -29.84 -12.39
C LYS A 24 8.37 -30.78 -12.33
N LEU A 25 8.12 -32.08 -12.28
CA LEU A 25 9.18 -33.07 -12.41
C LEU A 25 9.58 -33.13 -13.89
N ILE A 26 10.83 -32.78 -14.17
CA ILE A 26 11.28 -32.52 -15.54
C ILE A 26 11.82 -33.82 -16.14
N ASP A 27 11.49 -34.06 -17.42
CA ASP A 27 12.01 -35.19 -18.19
C ASP A 27 13.53 -35.09 -18.38
N LYS A 28 14.10 -36.15 -18.93
CA LYS A 28 15.56 -36.28 -19.01
C LYS A 28 16.10 -35.84 -20.37
N LYS A 29 15.44 -34.92 -21.06
CA LYS A 29 16.02 -34.34 -22.27
C LYS A 29 16.12 -32.81 -22.26
N TYR A 30 16.01 -32.18 -21.08
CA TYR A 30 16.73 -30.95 -20.79
C TYR A 30 17.93 -31.20 -19.88
N LEU A 31 17.80 -32.13 -18.94
CA LEU A 31 18.86 -32.42 -18.01
C LEU A 31 19.07 -33.92 -18.04
N LYS A 32 19.87 -34.42 -17.10
CA LYS A 32 20.03 -35.87 -17.01
C LYS A 32 19.87 -36.39 -15.59
N LEU A 33 20.07 -35.58 -14.57
CA LEU A 33 19.85 -35.64 -13.14
C LEU A 33 18.40 -35.28 -12.82
N PRO A 34 17.81 -35.89 -11.78
CA PRO A 34 16.39 -35.63 -11.49
C PRO A 34 16.14 -34.23 -10.94
N THR A 35 15.51 -33.38 -11.75
CA THR A 35 15.28 -31.99 -11.42
C THR A 35 13.82 -31.78 -11.06
N ARG A 36 13.57 -30.86 -10.11
CA ARG A 36 12.24 -30.67 -9.56
C ARG A 36 12.07 -29.19 -9.22
N VAL A 37 11.49 -28.42 -10.14
CA VAL A 37 11.30 -27.00 -9.93
C VAL A 37 10.06 -26.76 -9.08
N ASN A 38 9.93 -25.54 -8.56
CA ASN A 38 8.81 -25.17 -7.72
C ASN A 38 8.49 -23.69 -7.94
N LEU A 39 7.35 -23.27 -7.39
CA LEU A 39 7.00 -21.85 -7.37
C LEU A 39 6.02 -21.65 -6.23
N GLU A 40 6.44 -20.97 -5.16
CA GLU A 40 5.64 -20.84 -3.96
C GLU A 40 5.13 -19.40 -3.88
N ILE A 41 3.81 -19.27 -3.76
CA ILE A 41 3.19 -17.99 -3.43
C ILE A 41 2.67 -18.12 -2.00
N LEU A 42 3.16 -17.26 -1.11
CA LEU A 42 2.85 -17.34 0.30
C LEU A 42 1.97 -16.16 0.70
N ARG A 43 1.15 -16.42 1.70
CA ARG A 43 0.18 -15.50 2.17
C ARG A 43 0.16 -15.49 3.68
N GLY A 44 0.13 -14.38 4.37
CA GLY A 44 0.03 -14.41 5.81
C GLY A 44 -0.30 -13.04 6.34
N THR A 45 -0.51 -12.96 7.65
CA THR A 45 -0.72 -11.67 8.30
C THR A 45 0.55 -10.84 8.30
N LYS A 46 1.70 -11.49 8.35
CA LYS A 46 2.97 -10.79 8.32
C LYS A 46 3.45 -10.55 6.89
N ILE A 47 3.23 -11.53 6.01
CA ILE A 47 3.70 -11.45 4.64
C ILE A 47 2.83 -10.49 3.85
N HIS A 48 3.46 -9.53 3.18
CA HIS A 48 2.77 -8.74 2.16
C HIS A 48 2.74 -9.46 0.82
N SER A 49 3.89 -9.94 0.36
CA SER A 49 3.97 -10.76 -0.83
C SER A 49 5.22 -11.62 -0.73
N SER A 50 5.16 -12.81 -1.32
CA SER A 50 6.24 -13.79 -1.18
C SER A 50 6.20 -14.73 -2.38
N PHE A 51 7.12 -14.52 -3.32
CA PHE A 51 7.31 -15.43 -4.43
C PHE A 51 8.64 -16.14 -4.22
N LEU A 52 8.66 -17.45 -4.43
CA LEU A 52 9.79 -18.28 -4.05
C LEU A 52 9.96 -19.37 -5.10
N PHE A 53 10.84 -19.15 -6.05
CA PHE A 53 11.20 -20.16 -7.03
C PHE A 53 12.23 -21.10 -6.42
N ASN A 54 12.06 -22.41 -6.68
CA ASN A 54 13.01 -23.41 -6.22
C ASN A 54 13.44 -24.28 -7.39
N SER A 55 14.60 -24.91 -7.25
CA SER A 55 15.09 -25.84 -8.27
C SER A 55 15.94 -26.89 -7.57
N TYR A 56 15.30 -27.99 -7.18
CA TYR A 56 16.01 -29.10 -6.58
C TYR A 56 16.51 -30.02 -7.68
N SER A 57 17.71 -30.57 -7.49
CA SER A 57 18.34 -31.37 -8.53
C SER A 57 19.30 -32.35 -7.88
N SER A 58 18.92 -33.62 -7.87
CA SER A 58 19.73 -34.66 -7.24
C SER A 58 20.97 -34.94 -8.08
N LEU A 59 22.13 -34.53 -7.58
CA LEU A 59 23.39 -34.76 -8.30
C LEU A 59 23.89 -36.18 -8.13
N SER A 60 23.67 -36.76 -6.97
CA SER A 60 24.25 -38.04 -6.60
C SER A 60 23.16 -38.81 -5.86
N PRO A 61 23.40 -40.06 -5.46
CA PRO A 61 22.52 -40.66 -4.45
C PRO A 61 22.47 -39.89 -3.13
N GLN A 62 23.55 -39.19 -2.74
CA GLN A 62 23.49 -38.26 -1.61
C GLN A 62 24.09 -36.89 -1.98
N SER A 63 23.29 -36.08 -2.67
CA SER A 63 23.59 -34.69 -3.03
C SER A 63 22.35 -34.04 -3.61
N ILE A 64 22.02 -32.83 -3.19
CA ILE A 64 20.88 -32.08 -3.73
C ILE A 64 21.30 -30.62 -3.86
N LEU A 65 21.46 -30.14 -5.09
CA LEU A 65 21.53 -28.71 -5.30
C LEU A 65 20.15 -28.08 -5.19
N ASN A 66 20.13 -26.81 -4.80
CA ASN A 66 18.88 -26.10 -4.58
C ASN A 66 19.14 -24.63 -4.91
N LEU A 67 18.82 -24.24 -6.14
CA LEU A 67 18.83 -22.83 -6.52
C LEU A 67 17.49 -22.24 -6.11
N LYS A 68 17.50 -21.40 -5.08
CA LYS A 68 16.29 -20.79 -4.55
C LYS A 68 16.33 -19.31 -4.88
N VAL A 69 15.50 -18.89 -5.83
CA VAL A 69 15.32 -17.48 -6.16
C VAL A 69 14.07 -17.00 -5.46
N PHE A 70 14.20 -15.96 -4.64
CA PHE A 70 13.11 -15.50 -3.82
C PHE A 70 12.95 -14.00 -3.97
N SER A 71 11.75 -13.53 -3.63
CA SER A 71 11.44 -12.10 -3.55
C SER A 71 10.28 -11.98 -2.57
N GLN A 72 10.58 -11.60 -1.34
CA GLN A 72 9.58 -11.67 -0.29
C GLN A 72 9.49 -10.37 0.48
N PHE A 73 8.25 -9.96 0.75
CA PHE A 73 7.95 -8.84 1.62
C PHE A 73 7.19 -9.38 2.83
N TYR A 74 7.64 -9.00 4.02
CA TYR A 74 7.05 -9.53 5.24
C TYR A 74 7.28 -8.52 6.35
N ASN A 75 6.39 -8.52 7.32
CA ASN A 75 6.52 -7.61 8.45
C ASN A 75 7.26 -8.29 9.60
N TRP A 76 7.79 -7.47 10.50
CA TRP A 76 8.75 -7.96 11.48
C TRP A 76 8.62 -7.18 12.78
N ASN A 77 8.90 -7.86 13.90
CA ASN A 77 9.00 -7.30 15.25
C ASN A 77 7.67 -6.64 15.68
N THR A 78 6.67 -7.50 15.89
CA THR A 78 5.28 -7.08 15.97
C THR A 78 4.88 -6.24 17.19
N ASN A 79 4.88 -4.92 17.01
CA ASN A 79 3.87 -4.07 17.62
C ASN A 79 3.15 -3.34 16.49
N LYS A 80 3.88 -2.59 15.68
CA LYS A 80 3.62 -2.37 14.27
C LYS A 80 4.82 -2.78 13.44
N GLY A 81 6.00 -2.28 13.79
CA GLY A 81 7.25 -2.96 13.48
C GLY A 81 7.89 -2.48 12.18
N LEU A 82 8.57 -3.40 11.49
CA LEU A 82 9.32 -3.14 10.28
C LEU A 82 8.80 -4.09 9.22
N ASP A 83 8.64 -3.63 7.98
CA ASP A 83 8.39 -4.56 6.89
C ASP A 83 9.63 -4.66 6.02
N ILE A 84 10.05 -5.90 5.73
CA ILE A 84 11.34 -6.19 5.14
C ILE A 84 11.13 -6.59 3.68
N GLY A 85 11.71 -5.82 2.77
CA GLY A 85 11.85 -6.28 1.40
C GLY A 85 13.09 -7.15 1.33
N GLN A 86 12.98 -8.26 0.60
CA GLN A 86 14.04 -9.25 0.61
C GLN A 86 13.95 -10.05 -0.69
N ARG A 87 14.87 -9.79 -1.60
CA ARG A 87 14.93 -10.47 -2.88
C ARG A 87 16.37 -10.87 -3.17
N GLY A 88 16.55 -11.96 -3.91
CA GLY A 88 17.89 -12.45 -4.19
C GLY A 88 17.84 -13.89 -4.65
N ALA A 89 18.97 -14.56 -4.50
CA ALA A 89 19.12 -15.96 -4.87
C ALA A 89 19.83 -16.71 -3.76
N ARG A 90 19.81 -18.04 -3.85
CA ARG A 90 20.46 -18.86 -2.82
C ARG A 90 20.77 -20.22 -3.46
N LEU A 91 22.05 -20.54 -3.58
CA LEU A 91 22.50 -21.80 -4.13
C LEU A 91 23.00 -22.69 -3.00
N SER A 92 22.22 -23.72 -2.66
CA SER A 92 22.50 -24.57 -1.51
C SER A 92 22.84 -25.96 -1.99
N LEU A 93 23.89 -26.55 -1.43
CA LEU A 93 24.25 -27.94 -1.68
C LEU A 93 24.11 -28.73 -0.39
N ARG A 94 23.24 -29.74 -0.42
CA ARG A 94 22.93 -30.54 0.76
C ARG A 94 23.48 -31.93 0.57
N TYR A 95 24.25 -32.41 1.55
CA TYR A 95 24.98 -33.67 1.44
C TYR A 95 24.40 -34.67 2.42
N GLU A 96 23.78 -35.72 1.89
CA GLU A 96 23.11 -36.84 2.60
C GLU A 96 22.21 -36.42 3.76
N SER A 112 17.86 -45.29 12.58
CA SER A 112 18.66 -44.62 11.57
C SER A 112 18.90 -43.16 11.94
N PRO A 113 20.15 -42.80 12.24
CA PRO A 113 20.47 -41.41 12.59
C PRO A 113 20.46 -40.53 11.35
N THR A 114 19.69 -39.45 11.41
CA THR A 114 19.70 -38.46 10.35
C THR A 114 20.96 -37.61 10.42
N LEU A 115 21.68 -37.52 9.31
CA LEU A 115 22.92 -36.75 9.23
C LEU A 115 22.92 -36.02 7.90
N PHE A 116 23.10 -34.71 7.93
CA PHE A 116 23.38 -33.99 6.70
C PHE A 116 24.16 -32.72 6.98
N HIS A 117 25.11 -32.43 6.10
CA HIS A 117 25.68 -31.10 5.97
C HIS A 117 24.92 -30.36 4.88
N GLU A 118 24.99 -29.02 4.93
CA GLU A 118 24.27 -28.23 3.92
C GLU A 118 24.98 -26.88 3.80
N TRP A 119 25.81 -26.74 2.78
CA TRP A 119 26.48 -25.48 2.50
C TRP A 119 25.65 -24.69 1.51
N PHE A 120 25.46 -23.40 1.78
CA PHE A 120 24.75 -22.55 0.83
C PHE A 120 25.59 -21.33 0.48
N LEU A 121 25.01 -20.46 -0.34
CA LEU A 121 25.63 -19.21 -0.77
C LEU A 121 24.50 -18.33 -1.27
N GLU A 122 24.27 -17.20 -0.60
CA GLU A 122 23.04 -16.43 -0.80
C GLU A 122 23.38 -14.97 -1.02
N THR A 123 23.00 -14.44 -2.18
CA THR A 123 22.98 -13.01 -2.42
C THR A 123 21.58 -12.50 -2.11
N CYS A 124 21.51 -11.31 -1.50
CA CYS A 124 20.22 -10.79 -1.06
C CYS A 124 20.31 -9.27 -0.95
N TRP A 125 19.52 -8.57 -1.77
CA TRP A 125 19.26 -7.16 -1.58
C TRP A 125 18.08 -7.03 -0.64
N ARG A 126 18.30 -6.36 0.49
CA ARG A 126 17.31 -6.30 1.57
C ARG A 126 16.95 -4.84 1.86
N SER A 127 15.66 -4.54 1.84
CA SER A 127 15.12 -3.24 2.20
C SER A 127 14.56 -3.30 3.62
N THR A 128 14.44 -2.13 4.24
CA THR A 128 13.93 -2.06 5.62
C THR A 128 13.14 -0.77 5.84
N LYS A 129 11.83 -0.85 5.71
CA LYS A 129 10.94 0.24 6.14
C LYS A 129 10.71 0.19 7.64
N ILE A 130 10.59 1.35 8.25
CA ILE A 130 10.00 1.52 9.57
C ILE A 130 8.55 1.92 9.35
N CYS A 131 7.64 0.95 9.35
CA CYS A 131 6.24 1.19 9.07
C CYS A 131 5.43 1.41 10.34
N SER A 132 6.07 1.88 11.42
CA SER A 132 5.44 1.87 12.73
C SER A 132 4.42 2.96 12.92
N GLN A 133 4.32 3.91 11.97
CA GLN A 133 3.24 4.91 11.89
C GLN A 133 3.21 5.77 13.15
N GLY A 134 4.15 6.72 13.19
CA GLY A 134 4.60 7.46 14.36
C GLY A 134 3.62 8.09 15.34
N THR A 135 2.31 7.99 15.09
CA THR A 135 1.32 8.31 16.12
C THR A 135 1.52 7.46 17.37
N SER A 136 1.84 6.18 17.21
CA SER A 136 2.42 5.39 18.30
C SER A 136 3.84 5.91 18.51
N ALA A 137 4.06 6.61 19.63
CA ALA A 137 5.17 7.56 19.69
C ALA A 137 6.55 6.91 19.85
N PRO A 138 6.86 6.17 20.92
CA PRO A 138 8.27 5.78 21.13
C PRO A 138 8.69 4.43 20.55
N TYR A 139 7.87 3.78 19.73
CA TYR A 139 8.12 2.42 19.30
C TYR A 139 8.70 2.44 17.89
N MET A 140 9.76 1.66 17.68
CA MET A 140 10.58 1.58 16.46
C MET A 140 11.25 2.90 16.09
N TYR A 141 11.31 3.86 17.00
CA TYR A 141 11.88 5.17 16.69
C TYR A 141 13.02 5.50 17.64
N SER A 142 13.68 4.48 18.15
CA SER A 142 14.93 4.63 18.86
C SER A 142 16.06 4.95 17.87
N GLY A 143 17.23 5.28 18.42
CA GLY A 143 18.37 5.59 17.58
C GLY A 143 18.90 4.39 16.83
N THR A 144 18.66 3.18 17.35
CA THR A 144 19.14 1.98 16.69
C THR A 144 18.27 1.64 15.49
N MET A 145 16.94 1.66 15.65
CA MET A 145 16.05 1.26 14.57
C MET A 145 16.02 2.29 13.45
N LEU A 146 16.21 3.57 13.77
CA LEU A 146 16.28 4.62 12.76
C LEU A 146 17.50 4.49 11.85
N SER A 147 18.56 3.84 12.33
CA SER A 147 19.74 3.60 11.51
C SER A 147 19.72 2.26 10.79
N GLN A 148 18.81 1.35 11.16
CA GLN A 148 18.65 0.11 10.43
C GLN A 148 17.82 0.28 9.15
N ALA A 149 17.11 1.40 9.02
CA ALA A 149 16.29 1.63 7.85
C ALA A 149 17.16 1.91 6.63
N GLY A 150 16.80 1.32 5.51
CA GLY A 150 17.55 1.50 4.29
C GLY A 150 17.78 0.22 3.53
N ASP A 151 18.51 0.31 2.42
CA ASP A 151 18.80 -0.83 1.57
C ASP A 151 20.22 -1.33 1.82
N GLN A 152 20.41 -2.63 1.66
CA GLN A 152 21.73 -3.22 1.72
C GLN A 152 21.77 -4.46 0.85
N LEU A 153 22.95 -4.76 0.32
CA LEU A 153 23.19 -5.94 -0.49
C LEU A 153 24.26 -6.76 0.20
N ARG A 154 24.04 -8.08 0.29
CA ARG A 154 24.92 -8.91 1.11
C ARG A 154 25.02 -10.31 0.54
N THR A 155 26.24 -10.75 0.28
CA THR A 155 26.54 -12.16 0.08
C THR A 155 26.80 -12.80 1.44
N ILE A 156 26.30 -14.02 1.62
CA ILE A 156 26.57 -14.75 2.84
C ILE A 156 26.84 -16.21 2.51
N LEU A 157 27.96 -16.72 3.01
CA LEU A 157 28.29 -18.12 2.91
C LEU A 157 27.79 -18.81 4.17
N GLY A 158 27.46 -20.09 4.05
CA GLY A 158 26.84 -20.77 5.15
C GLY A 158 27.18 -22.24 5.19
N HIS A 159 26.85 -22.84 6.33
CA HIS A 159 27.03 -24.27 6.58
C HIS A 159 26.07 -24.64 7.69
N THR A 160 25.50 -25.83 7.61
CA THR A 160 24.55 -26.30 8.61
C THR A 160 24.69 -27.80 8.73
N PHE A 161 25.01 -28.27 9.92
CA PHE A 161 25.20 -29.69 10.20
C PHE A 161 24.15 -30.13 11.21
N VAL A 162 23.43 -31.20 10.88
CA VAL A 162 22.38 -31.73 11.74
C VAL A 162 22.67 -33.19 12.01
N LEU A 163 22.64 -33.59 13.28
CA LEU A 163 22.92 -34.96 13.69
C LEU A 163 21.74 -35.46 14.49
N ASP A 164 20.54 -35.36 13.91
CA ASP A 164 19.31 -35.78 14.57
C ASP A 164 19.33 -37.28 14.76
N LYS A 165 19.53 -37.72 16.01
CA LYS A 165 19.55 -39.13 16.34
C LYS A 165 18.26 -39.60 16.98
N ARG A 166 17.24 -38.76 17.02
CA ARG A 166 15.97 -39.11 17.62
C ARG A 166 15.21 -40.07 16.73
N ASP A 167 14.33 -40.85 17.34
CA ASP A 167 13.50 -41.79 16.61
C ASP A 167 12.25 -41.13 16.03
N HIS A 168 11.92 -39.92 16.47
CA HIS A 168 10.79 -39.18 15.94
C HIS A 168 11.12 -37.69 16.00
N ILE A 169 10.96 -36.99 14.88
CA ILE A 169 10.91 -35.53 14.91
C ILE A 169 9.48 -35.04 15.05
N MET A 170 8.53 -35.95 15.26
CA MET A 170 7.13 -35.63 15.51
C MET A 170 6.75 -35.79 16.97
N CYS A 171 6.92 -37.00 17.53
CA CYS A 171 6.65 -37.27 18.94
C CYS A 171 7.84 -38.03 19.50
N PRO A 172 8.90 -37.31 19.91
CA PRO A 172 10.14 -37.99 20.29
C PRO A 172 10.02 -38.70 21.63
N THR A 173 10.78 -39.78 21.76
CA THR A 173 10.81 -40.54 22.99
C THR A 173 12.23 -40.89 23.42
N LYS A 174 13.13 -41.08 22.46
CA LYS A 174 14.54 -41.36 22.72
C LYS A 174 15.38 -40.41 21.90
N GLY A 175 16.70 -40.58 21.98
CA GLY A 175 17.62 -39.95 21.06
C GLY A 175 17.97 -38.53 21.44
N SER A 176 18.89 -37.96 20.66
CA SER A 176 19.38 -36.61 20.82
C SER A 176 19.32 -35.87 19.49
N MET A 177 19.83 -34.65 19.48
CA MET A 177 19.89 -33.84 18.29
C MET A 177 21.02 -32.84 18.45
N LEU A 178 21.59 -32.43 17.31
CA LEU A 178 22.70 -31.48 17.33
C LEU A 178 22.61 -30.68 16.03
N LYS A 179 22.26 -29.39 16.15
CA LYS A 179 22.13 -28.51 14.99
C LYS A 179 23.17 -27.42 15.12
N TRP A 180 24.12 -27.40 14.20
CA TRP A 180 25.29 -26.54 14.26
C TRP A 180 25.37 -25.78 12.95
N SER A 181 25.03 -24.50 12.97
CA SER A 181 24.87 -23.72 11.74
C SER A 181 25.74 -22.47 11.80
N ASN A 182 26.73 -22.41 10.92
CA ASN A 182 27.57 -21.24 10.76
C ASN A 182 27.15 -20.45 9.53
N GLU A 183 27.31 -19.13 9.62
CA GLU A 183 27.00 -18.23 8.51
C GLU A 183 28.07 -17.16 8.47
N LEU A 184 28.73 -17.02 7.32
CA LEU A 184 29.81 -16.06 7.16
C LEU A 184 29.42 -15.08 6.07
N SER A 185 29.22 -13.82 6.43
CA SER A 185 29.18 -12.74 5.46
C SER A 185 30.58 -12.17 5.40
N PRO A 186 31.31 -12.35 4.29
CA PRO A 186 32.76 -12.09 4.27
C PRO A 186 33.08 -10.60 4.39
N GLY A 187 33.80 -10.24 5.45
CA GLY A 187 34.13 -8.87 5.73
C GLY A 187 33.10 -8.11 6.53
N LYS A 188 31.95 -8.72 6.83
CA LYS A 188 30.90 -8.05 7.58
C LYS A 188 30.66 -8.70 8.94
N HIS A 189 30.35 -9.99 8.99
CA HIS A 189 30.12 -10.67 10.26
C HIS A 189 30.31 -12.17 10.09
N LEU A 190 30.30 -12.88 11.22
CA LEU A 190 30.31 -14.34 11.25
C LEU A 190 29.34 -14.78 12.34
N LYS A 191 28.24 -15.40 11.94
CA LYS A 191 27.23 -15.87 12.89
C LYS A 191 27.40 -17.36 13.10
N THR A 192 27.52 -17.76 14.36
CA THR A 192 27.66 -19.15 14.75
C THR A 192 26.53 -19.49 15.70
N GLN A 193 25.92 -20.66 15.53
CA GLN A 193 24.77 -21.02 16.35
C GLN A 193 24.78 -22.52 16.59
N LEU A 194 24.59 -22.90 17.86
CA LEU A 194 24.55 -24.29 18.25
C LEU A 194 23.18 -24.59 18.86
N GLU A 195 22.72 -25.82 18.69
CA GLU A 195 21.45 -26.23 19.26
C GLU A 195 21.52 -27.72 19.57
N LEU A 196 21.29 -28.07 20.83
CA LEU A 196 21.26 -29.45 21.27
C LEU A 196 19.87 -29.82 21.74
N ASN A 197 19.61 -31.12 21.76
CA ASN A 197 18.37 -31.65 22.30
C ASN A 197 18.66 -33.02 22.87
N SER A 198 17.86 -33.42 23.85
CA SER A 198 18.08 -34.70 24.51
C SER A 198 16.74 -35.14 25.08
N VAL A 199 16.21 -36.25 24.58
CA VAL A 199 14.93 -36.79 25.02
C VAL A 199 15.17 -38.11 25.74
N LYS A 200 14.65 -38.22 26.95
CA LYS A 200 14.72 -39.45 27.73
C LYS A 200 13.32 -39.80 28.19
N SER A 201 13.05 -41.10 28.31
CA SER A 201 11.75 -41.56 28.76
C SER A 201 11.92 -42.58 29.89
N TRP A 202 11.04 -42.50 30.90
CA TRP A 202 11.08 -43.44 32.02
C TRP A 202 9.67 -43.91 32.36
N MET A 203 9.21 -44.94 31.65
CA MET A 203 8.21 -45.96 32.00
C MET A 203 8.04 -46.89 30.80
N ASN A 204 7.28 -47.96 31.00
CA ASN A 204 7.07 -48.96 29.96
C ASN A 204 6.09 -48.52 28.88
N ASP A 205 5.30 -47.46 29.11
CA ASP A 205 4.40 -46.93 28.11
C ASP A 205 4.96 -45.70 27.41
N ASP A 206 6.26 -45.43 27.57
CA ASP A 206 6.88 -44.14 27.26
C ASP A 206 6.10 -43.00 27.91
N PHE A 207 5.85 -43.15 29.22
CA PHE A 207 4.90 -42.30 29.93
C PHE A 207 5.49 -40.94 30.27
N ILE A 208 6.55 -40.92 31.06
CA ILE A 208 7.18 -39.68 31.50
C ILE A 208 8.34 -39.37 30.54
N THR A 209 8.19 -38.31 29.76
CA THR A 209 9.14 -37.97 28.71
C THR A 209 9.92 -36.74 29.12
N PHE A 210 11.14 -36.96 29.60
CA PHE A 210 12.09 -35.91 29.92
C PHE A 210 12.72 -35.36 28.64
N SER A 211 12.86 -34.04 28.55
CA SER A 211 13.31 -33.40 27.32
C SER A 211 14.08 -32.13 27.65
N THR A 212 15.36 -32.10 27.31
CA THR A 212 16.22 -30.94 27.50
C THR A 212 16.55 -30.32 26.15
N THR A 213 16.58 -28.99 26.10
CA THR A 213 17.01 -28.27 24.91
C THR A 213 17.90 -27.12 25.34
N ILE A 214 19.08 -27.03 24.74
CA ILE A 214 19.99 -25.91 25.00
C ILE A 214 20.46 -25.35 23.67
N LYS A 215 20.34 -24.03 23.51
CA LYS A 215 20.71 -23.35 22.29
C LYS A 215 21.64 -22.20 22.63
N THR A 216 22.82 -22.18 22.01
CA THR A 216 23.77 -21.11 22.24
C THR A 216 24.23 -20.56 20.89
N GLY A 217 24.70 -19.32 20.91
CA GLY A 217 25.09 -18.70 19.66
C GLY A 217 26.03 -17.53 19.88
N TYR A 218 26.80 -17.24 18.85
CA TYR A 218 27.81 -16.20 18.88
C TYR A 218 27.83 -15.47 17.55
N LEU A 219 27.99 -14.15 17.59
CA LEU A 219 27.97 -13.32 16.39
C LEU A 219 29.12 -12.33 16.47
N LYS A 220 30.15 -12.57 15.68
CA LYS A 220 31.35 -11.74 15.67
C LYS A 220 31.28 -10.73 14.53
N ASN A 221 31.73 -9.51 14.79
CA ASN A 221 31.77 -8.43 13.79
C ASN A 221 33.17 -8.40 13.18
N LEU A 222 33.29 -8.92 11.96
CA LEU A 222 34.57 -8.99 11.25
C LEU A 222 34.78 -7.80 10.33
N SER A 223 34.64 -6.57 10.82
CA SER A 223 34.45 -5.46 9.89
C SER A 223 35.28 -4.24 10.26
N SER A 224 36.59 -4.43 10.42
CA SER A 224 37.62 -3.40 10.21
C SER A 224 37.45 -2.19 11.12
N GLN A 225 37.79 -2.41 12.40
CA GLN A 225 37.75 -1.42 13.49
C GLN A 225 36.30 -1.08 13.85
N GLN A 226 35.45 -2.11 13.81
CA GLN A 226 34.06 -2.08 14.25
C GLN A 226 33.19 -1.10 13.48
N SER A 227 33.50 -0.91 12.19
CA SER A 227 32.55 -0.31 11.27
C SER A 227 31.54 -1.38 10.83
N LEU A 228 30.61 -0.98 9.94
CA LEU A 228 29.66 -1.85 9.24
C LEU A 228 28.83 -2.69 10.21
N PRO A 229 27.87 -2.10 10.92
CA PRO A 229 27.18 -2.81 11.99
C PRO A 229 26.27 -3.91 11.45
N VAL A 230 26.09 -4.93 12.28
CA VAL A 230 25.25 -6.06 11.91
C VAL A 230 23.79 -5.62 11.95
N HIS A 231 23.04 -5.99 10.91
CA HIS A 231 21.65 -5.59 10.79
C HIS A 231 20.80 -6.27 11.86
N ILE A 232 19.69 -5.61 12.21
CA ILE A 232 18.79 -6.05 13.27
C ILE A 232 18.13 -7.39 12.93
N CYS A 233 17.99 -7.71 11.65
CA CYS A 233 17.42 -8.98 11.25
C CYS A 233 18.40 -10.14 11.34
N ASP A 234 19.70 -9.86 11.48
CA ASP A 234 20.69 -10.91 11.66
C ASP A 234 21.11 -11.13 13.10
N LYS A 235 20.80 -10.19 13.99
CA LYS A 235 21.14 -10.36 15.40
C LYS A 235 20.24 -11.40 16.04
N PHE A 236 20.69 -11.91 17.19
CA PHE A 236 19.93 -12.93 17.90
C PHE A 236 18.79 -12.29 18.68
N GLN A 237 17.65 -12.97 18.68
CA GLN A 237 16.49 -12.55 19.44
C GLN A 237 16.06 -13.67 20.38
N SER A 238 15.41 -13.28 21.47
CA SER A 238 15.08 -14.24 22.53
C SER A 238 13.71 -13.91 23.10
N GLY A 239 12.95 -14.93 23.43
CA GLY A 239 11.63 -14.79 24.01
C GLY A 239 10.54 -15.23 23.05
N GLY A 240 9.40 -15.60 23.63
CA GLY A 240 8.26 -16.01 22.86
C GLY A 240 7.79 -17.41 23.19
N PRO A 241 6.71 -17.86 22.54
CA PRO A 241 6.23 -19.23 22.79
C PRO A 241 7.07 -20.30 22.11
N SER A 242 7.67 -20.01 20.96
CA SER A 242 8.58 -20.92 20.28
C SER A 242 10.03 -20.72 20.73
N ASP A 243 10.21 -20.17 21.93
CA ASP A 243 11.48 -19.79 22.53
C ASP A 243 11.25 -19.93 24.02
N ILE A 244 11.97 -19.14 24.82
CA ILE A 244 11.74 -19.08 26.27
C ILE A 244 10.32 -18.58 26.55
N ARG A 245 9.46 -19.49 27.00
CA ARG A 245 8.06 -19.17 27.25
C ARG A 245 7.91 -18.34 28.51
N GLY A 246 6.89 -17.47 28.51
CA GLY A 246 6.65 -16.55 29.60
C GLY A 246 6.97 -15.12 29.27
N PHE A 247 7.49 -14.87 28.07
CA PHE A 247 7.80 -13.54 27.61
C PHE A 247 7.23 -13.38 26.21
N GLN A 248 7.09 -12.14 25.78
CA GLN A 248 6.62 -11.90 24.43
C GLN A 248 7.76 -12.16 23.43
N THR A 249 7.39 -12.29 22.17
CA THR A 249 8.37 -12.42 21.11
C THR A 249 9.16 -11.13 20.97
N PHE A 250 10.48 -11.27 20.79
CA PHE A 250 11.45 -10.18 20.90
C PHE A 250 11.29 -9.46 22.23
N GLY A 251 11.22 -10.24 23.30
CA GLY A 251 10.91 -9.73 24.62
C GLY A 251 12.07 -9.70 25.58
N LEU A 252 13.17 -10.35 25.23
CA LEU A 252 14.35 -10.40 26.09
C LEU A 252 15.50 -9.64 25.44
N GLY A 253 16.57 -9.50 26.19
CA GLY A 253 17.78 -8.87 25.71
C GLY A 253 17.83 -7.39 25.96
N PRO A 254 18.84 -6.72 25.44
CA PRO A 254 18.98 -5.28 25.65
C PRO A 254 18.04 -4.49 24.77
N ARG A 255 17.77 -3.26 25.21
CA ARG A 255 16.88 -2.34 24.50
C ARG A 255 17.59 -1.01 24.26
N ASP A 256 17.08 -0.25 23.30
CA ASP A 256 17.51 1.12 23.12
C ASP A 256 16.54 2.09 23.81
N LEU A 257 15.28 2.07 23.40
CA LEU A 257 14.21 2.76 24.12
C LEU A 257 13.18 1.78 24.66
N TYR A 258 12.50 1.06 23.77
CA TYR A 258 11.61 -0.04 24.10
C TYR A 258 11.74 -1.12 23.05
N ASP A 259 12.69 -0.98 22.12
CA ASP A 259 12.85 -1.87 20.99
C ASP A 259 13.94 -2.88 21.30
N ALA A 260 13.62 -4.16 21.17
CA ALA A 260 14.61 -5.23 21.32
C ALA A 260 15.60 -5.11 20.19
N VAL A 261 16.81 -4.64 20.51
CA VAL A 261 17.83 -4.35 19.52
C VAL A 261 18.70 -5.58 19.29
N GLY A 262 18.31 -6.70 19.88
CA GLY A 262 18.98 -7.96 19.64
C GLY A 262 20.30 -8.06 20.38
N GLY A 263 20.86 -9.26 20.35
CA GLY A 263 22.13 -9.51 20.99
C GLY A 263 23.12 -10.12 20.02
N ASP A 264 24.40 -9.99 20.38
CA ASP A 264 25.49 -10.58 19.62
C ASP A 264 25.92 -11.94 20.16
N ALA A 265 25.37 -12.37 21.30
CA ALA A 265 25.63 -13.70 21.83
C ALA A 265 24.46 -14.07 22.73
N PHE A 266 24.17 -15.37 22.79
CA PHE A 266 23.05 -15.82 23.63
C PHE A 266 23.26 -17.26 24.07
N VAL A 267 22.50 -17.61 25.11
CA VAL A 267 22.29 -18.99 25.52
C VAL A 267 20.81 -19.09 25.90
N SER A 268 20.18 -20.22 25.60
CA SER A 268 18.76 -20.39 25.89
C SER A 268 18.51 -21.85 26.19
N TYR A 269 18.47 -22.21 27.47
CA TYR A 269 18.27 -23.59 27.88
C TYR A 269 16.78 -23.87 28.03
N GLY A 270 16.45 -25.11 28.37
CA GLY A 270 15.07 -25.51 28.52
C GLY A 270 14.95 -26.91 29.07
N LEU A 271 13.87 -27.16 29.80
CA LEU A 271 13.59 -28.47 30.39
C LEU A 271 12.10 -28.69 30.28
N SER A 272 11.67 -29.93 30.03
CA SER A 272 10.25 -30.19 29.85
C SER A 272 9.96 -31.63 30.26
N VAL A 273 8.80 -31.83 30.88
CA VAL A 273 8.30 -33.15 31.24
C VAL A 273 6.93 -33.31 30.61
N PHE A 274 6.64 -34.53 30.11
CA PHE A 274 5.37 -34.86 29.50
C PHE A 274 4.83 -36.10 30.19
N SER A 275 3.55 -36.08 30.60
CA SER A 275 3.06 -37.09 31.53
C SER A 275 1.80 -37.80 31.06
N ARG A 276 1.51 -37.80 29.75
CA ARG A 276 0.58 -38.71 29.07
C ARG A 276 -0.89 -38.62 29.47
N LEU A 277 -1.30 -37.65 30.32
CA LEU A 277 -2.70 -37.37 30.68
C LEU A 277 -3.40 -38.58 31.28
N PRO A 278 -3.13 -38.93 32.55
CA PRO A 278 -3.50 -40.26 33.07
C PRO A 278 -4.98 -40.54 33.23
N TRP A 279 -5.73 -40.56 32.13
CA TRP A 279 -7.10 -41.02 32.13
C TRP A 279 -7.20 -42.28 31.27
N LYS A 280 -8.14 -43.15 31.62
CA LYS A 280 -8.19 -44.50 31.05
C LYS A 280 -8.56 -44.52 29.58
N LYS A 281 -9.44 -43.62 29.15
CA LYS A 281 -9.93 -43.67 27.77
C LYS A 281 -8.94 -43.03 26.80
N VAL A 282 -8.23 -41.99 27.25
CA VAL A 282 -7.61 -41.05 26.33
C VAL A 282 -6.08 -41.23 26.34
N GLU A 283 -5.60 -42.33 26.92
CA GLU A 283 -4.17 -42.55 27.09
C GLU A 283 -3.52 -43.19 25.86
N LYS A 284 -4.09 -43.01 24.68
CA LYS A 284 -3.53 -43.47 23.43
C LYS A 284 -3.28 -42.30 22.49
N SER A 285 -3.54 -41.09 22.97
CA SER A 285 -3.58 -39.88 22.18
C SER A 285 -2.25 -39.14 22.27
N ASN A 286 -2.24 -37.95 21.67
CA ASN A 286 -1.08 -37.07 21.68
C ASN A 286 -1.17 -35.97 22.72
N PHE A 287 -2.13 -36.04 23.63
CA PHE A 287 -2.26 -35.04 24.68
C PHE A 287 -1.37 -35.41 25.86
N ARG A 288 -0.44 -34.50 26.21
CA ARG A 288 0.47 -34.71 27.33
C ARG A 288 0.34 -33.56 28.31
N LEU A 289 0.64 -33.85 29.57
CA LEU A 289 0.68 -32.83 30.61
C LEU A 289 2.08 -32.24 30.65
N HIS A 290 2.18 -30.93 30.48
CA HIS A 290 3.47 -30.28 30.21
C HIS A 290 3.84 -29.36 31.36
N TRP A 291 4.88 -29.72 32.09
CA TRP A 291 5.59 -28.81 32.98
C TRP A 291 6.92 -28.48 32.34
N PHE A 292 7.25 -27.20 32.24
CA PHE A 292 8.51 -26.80 31.63
C PHE A 292 9.29 -25.88 32.55
N PHE A 293 10.54 -25.64 32.18
CA PHE A 293 11.36 -24.61 32.81
C PHE A 293 12.28 -24.05 31.72
N ASN A 294 12.03 -22.81 31.33
CA ASN A 294 12.81 -22.17 30.28
C ASN A 294 13.63 -21.03 30.87
N GLY A 295 14.54 -20.49 30.09
CA GLY A 295 15.35 -19.38 30.53
C GLY A 295 16.53 -19.17 29.62
N GLY A 296 17.12 -18.00 29.74
CA GLY A 296 18.26 -17.68 28.90
C GLY A 296 18.67 -16.24 29.05
N LYS A 297 19.72 -15.90 28.30
CA LYS A 297 20.39 -14.61 28.37
C LYS A 297 20.76 -14.17 26.97
N LEU A 298 20.68 -12.87 26.71
CA LEU A 298 20.96 -12.30 25.39
C LEU A 298 21.77 -11.02 25.59
N VAL A 299 23.04 -11.05 25.18
CA VAL A 299 23.99 -9.98 25.49
C VAL A 299 24.49 -9.32 24.21
N ASN A 300 24.91 -8.06 24.36
CA ASN A 300 25.68 -7.35 23.36
C ASN A 300 27.12 -7.32 23.85
N HIS A 301 27.92 -8.30 23.43
CA HIS A 301 29.27 -8.42 23.95
C HIS A 301 30.21 -7.43 23.29
N ASP A 302 31.39 -7.28 23.86
CA ASP A 302 32.49 -6.62 23.19
C ASP A 302 33.33 -7.68 22.47
N ASN A 303 33.77 -7.36 21.26
CA ASN A 303 34.34 -8.34 20.34
C ASN A 303 35.80 -8.68 20.64
N THR A 304 36.29 -8.40 21.84
CA THR A 304 37.68 -8.63 22.18
C THR A 304 37.96 -10.05 22.65
N SER A 305 37.17 -10.57 23.59
CA SER A 305 37.48 -11.83 24.25
C SER A 305 36.27 -12.76 24.27
N LEU A 306 36.53 -14.06 24.12
CA LEU A 306 35.51 -15.07 24.36
C LEU A 306 35.32 -15.35 25.85
N GLY A 307 36.25 -14.87 26.70
CA GLY A 307 36.08 -15.05 28.13
C GLY A 307 35.12 -14.07 28.75
N ASN A 308 35.12 -12.81 28.27
CA ASN A 308 34.12 -11.84 28.72
C ASN A 308 32.79 -12.03 28.01
N CYS A 309 32.76 -12.79 26.92
CA CYS A 309 31.48 -13.14 26.30
C CYS A 309 30.74 -14.15 27.16
N ILE A 310 31.44 -15.16 27.67
CA ILE A 310 30.84 -16.15 28.57
C ILE A 310 30.60 -15.54 29.95
N GLY A 311 31.37 -14.53 30.33
CA GLY A 311 31.25 -13.96 31.67
C GLY A 311 29.94 -13.23 31.91
N GLN A 312 29.46 -12.49 30.91
CA GLN A 312 28.14 -11.87 31.03
C GLN A 312 27.02 -12.82 30.64
N LEU A 313 27.33 -13.95 30.02
CA LEU A 313 26.33 -14.90 29.56
C LEU A 313 25.88 -15.85 30.65
N SER A 314 26.33 -15.66 31.90
CA SER A 314 25.96 -16.55 32.97
C SER A 314 25.64 -15.84 34.29
N LYS A 315 25.34 -14.55 34.28
CA LYS A 315 25.26 -13.81 35.54
C LYS A 315 23.84 -13.33 35.85
N GLU A 316 23.06 -12.97 34.82
CA GLU A 316 21.81 -12.23 34.99
C GLU A 316 20.80 -12.85 34.03
N HIS A 317 20.14 -13.93 34.42
CA HIS A 317 19.28 -14.65 33.51
C HIS A 317 17.81 -14.32 33.74
N SER A 318 17.01 -14.55 32.71
CA SER A 318 15.57 -14.36 32.74
C SER A 318 14.90 -15.70 32.51
N THR A 319 14.45 -16.33 33.58
CA THR A 319 13.93 -17.70 33.54
C THR A 319 12.43 -17.72 33.79
N SER A 320 11.81 -18.85 33.46
CA SER A 320 10.39 -19.04 33.75
C SER A 320 10.09 -20.53 33.75
N THR A 321 9.20 -20.92 34.66
CA THR A 321 8.57 -22.23 34.60
C THR A 321 7.06 -22.04 34.41
N GLY A 322 6.36 -23.15 34.25
CA GLY A 322 4.94 -23.10 33.99
C GLY A 322 4.33 -24.45 33.68
N ILE A 323 3.09 -24.64 34.07
CA ILE A 323 2.36 -25.89 33.84
C ILE A 323 1.45 -25.67 32.64
N GLY A 324 1.25 -26.72 31.85
CA GLY A 324 0.41 -26.61 30.67
C GLY A 324 -0.09 -27.92 30.13
N LEU A 325 -0.73 -27.86 28.97
CA LEU A 325 -1.17 -29.04 28.23
C LEU A 325 -0.67 -28.91 26.81
N VAL A 326 -0.23 -30.02 26.22
CA VAL A 326 0.38 -30.01 24.89
C VAL A 326 -0.26 -31.10 24.04
N LEU A 327 -0.65 -30.73 22.82
CA LEU A 327 -1.08 -31.67 21.79
C LEU A 327 -0.02 -31.70 20.69
N ARG A 328 0.32 -32.89 20.22
CA ARG A 328 1.37 -33.06 19.21
C ARG A 328 0.75 -33.65 17.95
N HIS A 329 0.34 -32.77 17.04
CA HIS A 329 -0.19 -33.14 15.75
C HIS A 329 0.97 -33.46 14.79
N PRO A 330 0.66 -34.01 13.60
CA PRO A 330 1.71 -34.12 12.56
C PRO A 330 2.41 -32.82 12.19
N MET A 331 1.70 -31.76 11.77
CA MET A 331 2.41 -30.59 11.31
C MET A 331 2.60 -29.55 12.40
N ALA A 332 2.08 -29.77 13.59
CA ALA A 332 2.10 -28.71 14.58
C ALA A 332 2.11 -29.31 15.97
N ARG A 333 2.53 -28.50 16.93
CA ARG A 333 2.51 -28.86 18.33
C ARG A 333 1.73 -27.77 19.05
N PHE A 334 0.50 -28.08 19.44
CA PHE A 334 -0.37 -27.10 20.08
C PHE A 334 -0.08 -27.11 21.58
N GLU A 335 0.27 -25.95 22.12
CA GLU A 335 0.60 -25.83 23.53
C GLU A 335 -0.30 -24.79 24.17
N LEU A 336 -0.90 -25.16 25.30
CA LEU A 336 -1.74 -24.27 26.10
C LEU A 336 -1.12 -24.23 27.49
N ASN A 337 -0.24 -23.25 27.72
CA ASN A 337 0.51 -23.16 28.95
C ASN A 337 -0.04 -22.06 29.84
N PHE A 338 0.04 -22.29 31.14
CA PHE A 338 -0.06 -21.24 32.14
C PHE A 338 1.33 -21.01 32.69
N THR A 339 1.86 -19.81 32.51
CA THR A 339 3.28 -19.56 32.74
C THR A 339 3.45 -18.39 33.69
N LEU A 340 4.38 -18.53 34.63
CA LEU A 340 4.78 -17.47 35.52
C LEU A 340 6.30 -17.26 35.46
N PRO A 341 6.78 -16.05 35.19
CA PRO A 341 8.23 -15.82 35.17
C PRO A 341 8.85 -15.77 36.54
N ILE A 342 9.78 -16.69 36.83
CA ILE A 342 10.46 -16.69 38.11
C ILE A 342 11.43 -15.52 38.20
N THR A 343 12.38 -15.48 37.29
CA THR A 343 13.42 -14.47 37.27
C THR A 343 13.32 -13.72 35.95
N ALA A 344 13.43 -12.40 36.00
CA ALA A 344 13.33 -11.64 34.77
C ALA A 344 14.26 -10.45 34.86
N HIS A 345 14.63 -9.92 33.69
CA HIS A 345 15.31 -8.65 33.65
C HIS A 345 14.29 -7.54 33.85
N GLU A 346 14.75 -6.30 33.82
CA GLU A 346 13.82 -5.23 34.17
C GLU A 346 13.01 -4.85 32.93
N ASN A 347 13.70 -4.64 31.82
CA ASN A 347 13.11 -4.16 30.58
C ASN A 347 12.53 -5.27 29.70
N ASP A 348 12.24 -6.44 30.28
CA ASP A 348 11.66 -7.54 29.54
C ASP A 348 10.16 -7.37 29.38
N LEU A 349 9.62 -8.04 28.37
CA LEU A 349 8.20 -7.98 28.05
C LEU A 349 7.54 -9.25 28.59
N ILE A 350 7.00 -9.14 29.79
CA ILE A 350 6.40 -10.27 30.49
C ILE A 350 5.07 -10.64 29.84
N ARG A 351 4.85 -11.93 29.63
CA ARG A 351 3.53 -12.47 29.28
C ARG A 351 3.24 -13.62 30.23
N LYS A 352 2.70 -13.32 31.40
CA LYS A 352 2.29 -14.35 32.35
C LYS A 352 0.80 -14.63 32.19
N GLY A 353 0.39 -15.72 32.82
CA GLY A 353 -0.97 -16.19 32.63
C GLY A 353 -1.04 -17.20 31.50
N PHE A 354 -2.19 -17.29 30.84
CA PHE A 354 -2.36 -18.26 29.78
C PHE A 354 -1.70 -17.78 28.50
N GLN A 355 -1.23 -18.74 27.70
CA GLN A 355 -0.48 -18.44 26.49
C GLN A 355 -0.63 -19.61 25.53
N PHE A 356 -1.12 -19.33 24.32
CA PHE A 356 -1.28 -20.37 23.32
C PHE A 356 0.02 -20.53 22.54
N GLY A 357 0.47 -21.76 22.40
CA GLY A 357 1.69 -22.07 21.66
C GLY A 357 1.35 -22.91 20.45
N LEU A 358 1.99 -22.58 19.32
CA LEU A 358 1.67 -23.23 18.06
C LEU A 358 2.85 -23.10 17.13
N GLY A 359 3.27 -24.20 16.53
CA GLY A 359 4.42 -24.17 15.64
C GLY A 359 5.07 -25.53 15.55
N LEU A 360 6.36 -25.52 15.27
CA LEU A 360 7.14 -26.74 15.10
C LEU A 360 8.45 -26.77 15.88
N ALA A 361 8.99 -25.62 16.30
CA ALA A 361 10.30 -25.55 16.93
C ALA A 361 10.15 -24.86 18.28
N PHE A 362 10.19 -25.65 19.36
CA PHE A 362 10.07 -25.14 20.71
C PHE A 362 11.35 -25.40 21.50
N LEU A 363 11.68 -24.47 22.39
CA LEU A 363 12.90 -24.57 23.19
C LEU A 363 12.80 -23.74 24.47
N PHE B 15 -0.34 -13.32 40.19
CA PHE B 15 -0.65 -12.70 41.49
C PHE B 15 0.14 -11.39 41.65
N ASP B 16 0.86 -11.03 40.58
CA ASP B 16 1.65 -9.80 40.47
C ASP B 16 2.78 -9.72 41.51
N THR B 17 3.17 -10.86 42.09
CA THR B 17 4.36 -10.98 42.91
C THR B 17 5.31 -12.02 42.34
N PHE B 18 4.93 -12.65 41.23
CA PHE B 18 5.60 -13.85 40.74
C PHE B 18 6.97 -13.64 40.10
N PRO B 19 7.29 -12.48 39.47
CA PRO B 19 8.71 -12.23 39.24
C PRO B 19 9.40 -12.00 40.57
N LEU B 20 10.11 -13.03 41.03
CA LEU B 20 10.70 -13.01 42.36
C LEU B 20 11.95 -12.15 42.37
N GLN B 21 12.81 -12.33 41.38
CA GLN B 21 13.96 -11.45 41.18
C GLN B 21 13.66 -10.57 39.97
N THR B 22 13.51 -9.28 40.21
CA THR B 22 13.38 -8.29 39.14
C THR B 22 14.72 -7.57 39.04
N TYR B 23 15.32 -7.59 37.87
CA TYR B 23 16.73 -7.26 37.71
C TYR B 23 16.92 -5.81 37.28
N ALA B 24 18.14 -5.49 36.85
CA ALA B 24 18.42 -4.23 36.21
C ALA B 24 18.09 -4.33 34.72
N ALA B 25 18.32 -3.25 34.00
CA ALA B 25 17.74 -3.09 32.67
C ALA B 25 18.62 -3.62 31.54
N GLN B 26 19.75 -4.28 31.84
CA GLN B 26 20.68 -4.85 30.86
C GLN B 26 21.22 -3.77 29.92
N THR B 27 22.05 -2.90 30.51
CA THR B 27 22.48 -1.66 29.87
C THR B 27 23.73 -1.82 29.01
N ASP B 28 23.97 -3.00 28.43
CA ASP B 28 25.06 -3.17 27.48
C ASP B 28 24.52 -2.95 26.07
N LYS B 29 25.23 -2.14 25.29
CA LYS B 29 24.78 -1.74 23.96
C LYS B 29 25.79 -2.16 22.90
N ASP B 30 25.31 -2.26 21.67
CA ASP B 30 26.19 -2.57 20.55
C ASP B 30 27.04 -1.36 20.21
N GLU B 31 28.36 -1.56 20.20
CA GLU B 31 29.28 -0.45 19.96
C GLU B 31 29.41 -0.12 18.48
N ALA B 32 29.16 -1.09 17.59
CA ALA B 32 29.26 -0.81 16.16
C ALA B 32 28.05 -0.06 15.63
N VAL B 33 26.89 -0.21 16.28
CA VAL B 33 25.70 0.52 15.87
C VAL B 33 25.83 1.99 16.26
N ALA B 34 26.27 2.24 17.49
CA ALA B 34 26.50 3.60 17.98
C ALA B 34 27.66 4.30 17.29
N LEU B 35 28.49 3.56 16.56
CA LEU B 35 29.51 4.18 15.73
C LEU B 35 28.95 4.72 14.43
N GLU B 36 27.87 4.15 13.91
CA GLU B 36 27.18 4.75 12.76
C GLU B 36 26.09 5.73 13.15
N ILE B 37 25.60 5.71 14.38
CA ILE B 37 24.81 6.85 14.82
C ILE B 37 25.71 8.03 15.13
N GLN B 38 27.02 7.81 15.26
CA GLN B 38 27.97 8.91 15.43
C GLN B 38 28.52 9.43 14.12
N ARG B 39 28.71 8.58 13.11
CA ARG B 39 29.20 9.04 11.82
C ARG B 39 28.09 9.51 10.90
N ARG B 40 26.83 9.46 11.35
CA ARG B 40 25.71 10.05 10.67
C ARG B 40 25.14 11.26 11.38
N SER B 41 25.58 11.54 12.60
CA SER B 41 25.08 12.67 13.35
C SER B 41 25.99 13.86 13.17
N TYR B 42 25.39 15.03 13.04
CA TYR B 42 26.09 16.30 12.83
C TYR B 42 25.46 17.25 13.84
N THR B 43 26.10 17.42 14.98
CA THR B 43 25.48 18.06 16.12
C THR B 43 25.45 19.58 15.96
N PHE B 44 24.27 20.16 16.20
CA PHE B 44 24.09 21.60 16.09
C PHE B 44 24.73 22.28 17.28
N THR B 45 25.70 23.15 17.02
CA THR B 45 26.34 23.89 18.09
C THR B 45 25.46 25.07 18.49
N GLU B 46 25.42 25.35 19.80
CA GLU B 46 24.71 26.52 20.30
C GLU B 46 25.48 27.80 19.97
N LEU B 54 19.55 20.93 25.73
CA LEU B 54 19.94 20.99 27.13
C LEU B 54 19.74 19.63 27.80
N THR B 55 18.48 19.20 27.88
CA THR B 55 18.14 17.93 28.48
C THR B 55 18.17 16.84 27.41
N VAL B 56 17.68 15.65 27.75
CA VAL B 56 17.57 14.57 26.78
C VAL B 56 16.15 14.43 26.23
N GLU B 57 15.15 14.88 26.97
CA GLU B 57 13.76 14.88 26.50
C GLU B 57 13.39 16.13 25.73
N GLY B 58 14.30 17.10 25.62
CA GLY B 58 13.99 18.35 24.96
C GLY B 58 14.78 18.62 23.70
N THR B 59 15.59 17.66 23.27
CA THR B 59 16.41 17.81 22.09
C THR B 59 15.92 16.91 20.97
N TYR B 60 15.87 17.45 19.76
CA TYR B 60 15.36 16.73 18.59
C TYR B 60 16.49 16.37 17.64
N LYS B 61 16.18 15.44 16.74
CA LYS B 61 17.10 14.96 15.73
C LYS B 61 16.46 15.13 14.36
N LEU B 62 16.95 16.10 13.58
CA LEU B 62 16.47 16.28 12.23
C LEU B 62 17.02 15.19 11.31
N GLY B 63 16.12 14.51 10.61
CA GLY B 63 16.51 13.49 9.65
C GLY B 63 16.66 14.10 8.27
N VAL B 64 17.75 13.73 7.60
CA VAL B 64 18.08 14.27 6.27
C VAL B 64 18.46 13.11 5.37
N TYR B 65 18.52 13.40 4.06
CA TYR B 65 18.83 12.38 3.07
C TYR B 65 20.32 12.05 3.04
N ASN B 66 21.15 13.08 2.99
CA ASN B 66 22.60 12.96 2.99
C ASN B 66 23.15 14.29 3.47
N VAL B 67 24.45 14.51 3.26
CA VAL B 67 25.10 15.73 3.71
C VAL B 67 26.18 16.08 2.69
N PHE B 68 26.54 17.37 2.64
CA PHE B 68 27.68 17.79 1.85
C PHE B 68 28.43 18.86 2.64
N LEU B 69 29.71 18.99 2.33
CA LEU B 69 30.54 20.02 2.93
C LEU B 69 30.42 21.28 2.09
N GLU B 70 29.96 22.36 2.71
CA GLU B 70 29.92 23.65 2.04
C GLU B 70 31.35 24.13 1.79
N ALA B 71 31.68 24.34 0.52
CA ALA B 71 33.07 24.58 0.14
C ALA B 71 33.57 25.95 0.60
N ASN B 72 32.68 26.94 0.67
CA ASN B 72 33.12 28.28 1.05
C ASN B 72 33.25 28.42 2.56
N THR B 73 32.27 27.93 3.31
CA THR B 73 32.20 28.16 4.74
C THR B 73 32.75 27.00 5.57
N GLY B 74 32.44 25.76 5.18
CA GLY B 74 32.88 24.62 5.95
C GLY B 74 31.84 24.16 6.94
N ALA B 75 30.62 23.96 6.47
CA ALA B 75 29.51 23.55 7.31
C ALA B 75 28.83 22.35 6.67
N ALA B 76 28.30 21.47 7.52
CA ALA B 76 27.56 20.31 7.04
C ALA B 76 26.15 20.75 6.70
N LEU B 77 25.85 20.83 5.40
CA LEU B 77 24.54 21.17 4.92
C LEU B 77 23.90 19.96 4.29
N ALA B 78 22.58 19.86 4.42
CA ALA B 78 21.86 18.75 3.83
C ALA B 78 21.75 18.95 2.32
N THR B 79 21.70 17.83 1.60
CA THR B 79 21.83 17.85 0.14
C THR B 79 20.51 18.11 -0.57
N ASP B 80 19.41 18.15 0.13
CA ASP B 80 18.07 18.36 -0.40
C ASP B 80 17.58 19.75 -0.02
N PRO B 81 16.92 20.46 -0.95
CA PRO B 81 16.45 21.82 -0.63
C PRO B 81 15.37 21.88 0.42
N TRP B 82 14.68 20.78 0.71
CA TRP B 82 13.74 20.74 1.82
C TRP B 82 14.42 20.35 3.12
N CYS B 83 15.36 19.40 3.07
CA CYS B 83 16.12 19.05 4.26
C CYS B 83 17.04 20.19 4.70
N LEU B 84 17.52 20.99 3.75
CA LEU B 84 18.35 22.14 4.11
C LEU B 84 17.53 23.32 4.60
N PHE B 85 16.30 23.48 4.10
CA PHE B 85 15.47 24.60 4.53
C PHE B 85 14.99 24.43 5.97
N VAL B 86 14.61 23.21 6.35
CA VAL B 86 14.24 22.94 7.74
C VAL B 86 15.46 23.05 8.64
N GLN B 87 16.64 22.66 8.14
CA GLN B 87 17.88 22.81 8.90
C GLN B 87 18.21 24.26 9.19
N LEU B 88 18.01 25.15 8.21
CA LEU B 88 18.25 26.56 8.44
C LEU B 88 17.11 27.21 9.22
N ALA B 89 15.89 26.67 9.12
CA ALA B 89 14.80 27.20 9.92
C ALA B 89 14.90 26.76 11.37
N LEU B 90 15.55 25.62 11.63
CA LEU B 90 15.80 25.20 13.00
C LEU B 90 16.91 26.00 13.65
N CYS B 91 17.89 26.46 12.86
CA CYS B 91 18.94 27.30 13.40
C CYS B 91 18.41 28.68 13.79
N GLN B 92 17.49 29.22 13.01
CA GLN B 92 16.98 30.56 13.30
C GLN B 92 16.02 30.54 14.48
N LYS B 93 15.22 29.47 14.61
CA LYS B 93 14.22 29.39 15.66
C LYS B 93 14.85 29.24 17.04
N ASN B 94 15.97 28.53 17.13
CA ASN B 94 16.60 28.25 18.41
C ASN B 94 17.89 29.01 18.65
N GLY B 95 18.43 29.70 17.64
CA GLY B 95 19.70 30.36 17.80
C GLY B 95 20.84 29.37 17.78
N LEU B 96 20.84 28.46 16.81
CA LEU B 96 21.86 27.44 16.69
C LEU B 96 22.92 27.86 15.67
N VAL B 97 23.98 27.07 15.62
CA VAL B 97 25.05 27.20 14.63
C VAL B 97 25.05 25.92 13.82
N LEU B 98 25.31 26.03 12.53
CA LEU B 98 25.29 24.87 11.64
C LEU B 98 26.43 23.91 12.00
N PRO B 99 26.21 22.60 11.89
CA PRO B 99 27.26 21.66 12.28
C PRO B 99 28.42 21.65 11.30
N THR B 100 29.63 21.54 11.85
CA THR B 100 30.83 21.43 11.05
C THR B 100 30.94 20.01 10.49
N HIS B 101 31.29 19.93 9.21
CA HIS B 101 31.31 18.65 8.49
C HIS B 101 32.43 17.75 8.96
N THR B 110 26.83 16.26 24.71
CA THR B 110 26.24 16.98 25.83
C THR B 110 24.79 17.36 25.55
N CYS B 111 24.12 16.50 24.78
CA CYS B 111 22.68 16.56 24.48
C CYS B 111 22.30 17.87 23.80
N ASN B 112 22.81 18.03 22.58
CA ASN B 112 22.41 19.09 21.68
C ASN B 112 21.49 18.54 20.58
N HIS B 113 21.22 19.37 19.57
CA HIS B 113 20.04 19.29 18.71
C HIS B 113 20.33 18.64 17.37
N GLU B 114 21.09 17.55 17.34
CA GLU B 114 21.86 17.08 16.17
C GLU B 114 21.02 16.82 14.93
N MET B 115 21.71 16.83 13.78
CA MET B 115 21.18 16.35 12.51
C MET B 115 21.46 14.86 12.40
N LEU B 116 20.87 14.21 11.41
CA LEU B 116 20.97 12.75 11.33
C LEU B 116 20.73 12.30 9.91
N VAL B 117 21.75 11.74 9.27
CA VAL B 117 21.64 11.20 7.92
C VAL B 117 20.87 9.89 8.00
N LEU B 118 19.63 9.89 7.53
CA LEU B 118 18.74 8.75 7.62
C LEU B 118 18.45 8.21 6.23
N SER B 119 17.72 7.10 6.18
CA SER B 119 17.15 6.62 4.94
C SER B 119 15.69 7.05 4.86
N ARG B 120 15.18 7.13 3.63
CA ARG B 120 13.77 7.43 3.37
C ARG B 120 12.85 6.46 4.08
N LEU B 121 13.29 5.21 4.25
CA LEU B 121 12.58 4.10 4.85
C LEU B 121 12.56 4.17 6.37
N SER B 122 12.94 5.29 6.97
CA SER B 122 12.73 5.53 8.38
C SER B 122 11.36 6.13 8.67
N ASN B 123 10.42 5.97 7.73
CA ASN B 123 9.11 6.59 7.75
C ASN B 123 8.15 5.65 7.06
N PRO B 124 6.87 5.65 7.45
CA PRO B 124 5.85 5.14 6.54
C PRO B 124 5.57 6.11 5.41
N ASP B 125 5.85 7.39 5.63
CA ASP B 125 5.64 8.41 4.61
C ASP B 125 6.70 8.34 3.51
N GLU B 126 7.88 7.81 3.84
CA GLU B 126 9.04 7.65 2.96
C GLU B 126 9.59 8.98 2.46
N ALA B 127 9.49 10.03 3.27
CA ALA B 127 9.97 11.36 2.92
C ALA B 127 10.74 11.92 4.10
N LEU B 128 12.04 12.12 3.92
CA LEU B 128 12.95 12.35 5.03
C LEU B 128 12.98 13.62 5.89
N PRO B 129 12.55 14.83 5.47
CA PRO B 129 12.64 15.96 6.42
C PRO B 129 11.72 15.80 7.63
N ILE B 130 12.18 14.96 8.56
CA ILE B 130 11.42 14.60 9.75
C ILE B 130 12.10 15.18 10.97
N LEU B 131 11.44 15.04 12.12
CA LEU B 131 11.91 15.60 13.37
C LEU B 131 11.66 14.59 14.48
N VAL B 132 12.73 14.02 15.02
CA VAL B 132 12.65 13.00 16.06
C VAL B 132 12.84 13.73 17.38
N GLU B 133 11.74 14.23 17.95
CA GLU B 133 11.78 15.05 19.14
C GLU B 133 11.62 14.20 20.40
N GLY B 134 12.56 14.33 21.33
CA GLY B 134 12.45 13.68 22.62
C GLY B 134 13.10 12.31 22.67
N TYR B 135 13.20 11.78 23.90
CA TYR B 135 13.82 10.48 24.13
C TYR B 135 12.83 9.46 24.67
N LYS B 136 12.19 9.72 25.81
CA LYS B 136 11.27 8.74 26.38
C LYS B 136 9.86 8.92 25.83
N LYS B 137 9.35 10.14 25.86
CA LYS B 137 8.12 10.52 25.17
C LYS B 137 8.56 11.13 23.84
N ARG B 138 8.67 10.30 22.81
CA ARG B 138 9.36 10.65 21.59
C ARG B 138 8.36 10.89 20.46
N ILE B 139 8.26 12.14 20.02
CA ILE B 139 7.34 12.54 18.96
C ILE B 139 8.08 12.54 17.64
N ILE B 140 7.45 12.01 16.59
CA ILE B 140 7.97 12.06 15.23
C ILE B 140 7.08 12.98 14.43
N ARG B 141 7.63 14.07 13.91
CA ARG B 141 6.91 14.95 13.00
C ARG B 141 7.43 14.69 11.59
N SER B 142 6.56 14.20 10.71
CA SER B 142 6.98 13.78 9.38
C SER B 142 7.14 15.00 8.47
N THR B 143 7.34 14.74 7.17
CA THR B 143 7.56 15.83 6.22
C THR B 143 6.27 16.60 5.95
N VAL B 144 5.14 15.89 5.87
CA VAL B 144 3.85 16.56 5.75
C VAL B 144 3.53 17.33 7.03
N ALA B 145 3.93 16.79 8.18
CA ALA B 145 3.70 17.49 9.44
C ALA B 145 4.63 18.68 9.61
N ILE B 146 5.85 18.61 9.09
CA ILE B 146 6.78 19.73 9.19
C ILE B 146 6.39 20.83 8.20
N SER B 147 5.96 20.44 7.01
CA SER B 147 5.55 21.42 5.99
C SER B 147 4.34 22.22 6.43
N GLU B 148 3.45 21.64 7.24
CA GLU B 148 2.35 22.41 7.80
C GLU B 148 2.83 23.38 8.87
N ILE B 149 3.89 23.03 9.59
CA ILE B 149 4.45 23.92 10.59
C ILE B 149 5.19 25.08 9.93
N MET B 150 5.92 24.79 8.85
CA MET B 150 6.70 25.82 8.17
C MET B 150 5.79 26.77 7.38
N ARG B 151 4.72 26.24 6.78
CA ARG B 151 3.83 27.07 5.99
C ARG B 151 2.95 27.95 6.88
N SER B 152 2.68 27.53 8.11
CA SER B 152 1.81 28.28 8.99
C SER B 152 2.48 29.49 9.62
N ARG B 153 3.79 29.62 9.48
CA ARG B 153 4.51 30.76 10.04
C ARG B 153 4.58 31.95 9.08
N ILE B 154 4.01 31.81 7.88
CA ILE B 154 3.98 32.89 6.91
C ILE B 154 2.58 33.06 6.35
N LEU B 155 1.58 32.48 7.02
CA LEU B 155 0.20 32.66 6.60
C LEU B 155 -0.33 34.05 6.91
N ASP B 156 0.38 34.83 7.74
CA ASP B 156 -0.05 36.18 8.05
C ASP B 156 0.08 37.11 6.84
N ASP B 157 1.14 36.94 6.06
CA ASP B 157 1.34 37.71 4.84
C ASP B 157 0.92 36.84 3.65
N ALA B 158 -0.06 37.31 2.90
CA ALA B 158 -0.56 36.53 1.77
C ALA B 158 0.41 36.57 0.60
N GLU B 159 1.16 37.67 0.45
CA GLU B 159 2.07 37.80 -0.68
C GLU B 159 3.28 36.88 -0.54
N GLN B 160 3.77 36.70 0.68
CA GLN B 160 4.88 35.79 0.92
C GLN B 160 4.48 34.33 0.79
N LEU B 161 3.21 34.02 1.02
CA LEU B 161 2.69 32.67 0.76
C LEU B 161 2.61 32.38 -0.73
N MET B 162 2.44 33.42 -1.56
CA MET B 162 2.39 33.24 -3.00
C MET B 162 3.74 32.81 -3.55
N TYR B 163 4.81 33.48 -3.12
CA TYR B 163 6.16 33.11 -3.55
C TYR B 163 6.57 31.76 -2.99
N TYR B 164 6.20 31.50 -1.73
CA TYR B 164 6.56 30.24 -1.07
C TYR B 164 5.89 29.04 -1.74
N THR B 165 4.65 29.23 -2.21
CA THR B 165 3.99 28.19 -2.98
C THR B 165 4.63 28.03 -4.35
N LEU B 166 5.20 29.11 -4.90
CA LEU B 166 5.79 29.06 -6.24
C LEU B 166 7.11 28.32 -6.24
N LEU B 167 7.92 28.50 -5.18
CA LEU B 167 9.15 27.72 -5.06
C LEU B 167 8.85 26.26 -4.71
N ASP B 168 7.79 26.03 -3.92
CA ASP B 168 7.39 24.67 -3.58
C ASP B 168 6.74 23.91 -4.72
N THR B 169 6.31 24.60 -5.77
CA THR B 169 5.67 23.92 -6.89
C THR B 169 6.46 24.02 -8.18
N VAL B 170 6.83 25.22 -8.62
CA VAL B 170 7.49 25.35 -9.91
C VAL B 170 8.98 25.06 -9.79
N LEU B 171 9.66 25.70 -8.84
CA LEU B 171 11.08 25.50 -8.67
C LEU B 171 11.39 24.11 -8.11
N TYR B 172 10.47 23.56 -7.30
CA TYR B 172 10.65 22.22 -6.77
C TYR B 172 10.57 21.17 -7.88
N ASP B 173 9.56 21.27 -8.74
CA ASP B 173 9.34 20.23 -9.74
C ASP B 173 10.40 20.25 -10.83
N CYS B 174 11.04 21.39 -11.06
CA CYS B 174 12.19 21.43 -11.95
C CYS B 174 13.36 20.70 -11.32
N TRP B 175 13.66 21.01 -10.05
CA TRP B 175 14.78 20.40 -9.34
C TRP B 175 14.63 18.88 -9.23
N ILE B 176 13.40 18.40 -9.04
CA ILE B 176 13.19 16.96 -8.93
C ILE B 176 13.37 16.28 -10.28
N THR B 177 12.93 16.93 -11.36
CA THR B 177 13.09 16.33 -12.69
C THR B 177 14.52 16.43 -13.19
N GLN B 178 15.23 17.50 -12.85
CA GLN B 178 16.64 17.62 -13.24
C GLN B 178 17.52 16.61 -12.52
N ILE B 179 17.09 16.14 -11.35
CA ILE B 179 17.92 15.25 -10.54
C ILE B 179 17.52 13.78 -10.69
N ILE B 180 16.33 13.49 -11.20
CA ILE B 180 15.91 12.11 -11.40
C ILE B 180 16.15 11.68 -12.84
N PHE B 181 15.94 12.56 -13.80
CA PHE B 181 16.09 12.25 -15.21
C PHE B 181 17.38 12.78 -15.83
N CYS B 182 17.73 14.05 -15.58
CA CYS B 182 18.88 14.64 -16.24
C CYS B 182 20.19 14.29 -15.57
N ALA B 183 20.23 14.21 -14.24
CA ALA B 183 21.43 13.75 -13.58
C ALA B 183 21.53 12.22 -13.66
N SER B 184 22.75 11.72 -13.54
CA SER B 184 22.99 10.29 -13.61
C SER B 184 22.62 9.62 -12.30
N ASP B 185 22.84 8.30 -12.23
CA ASP B 185 22.55 7.55 -11.01
C ASP B 185 23.51 7.91 -9.88
N ALA B 186 24.77 8.20 -10.21
CA ALA B 186 25.75 8.55 -9.19
C ALA B 186 25.50 9.92 -8.60
N GLN B 187 24.86 10.83 -9.34
CA GLN B 187 24.60 12.16 -8.83
C GLN B 187 23.34 12.21 -7.98
N PHE B 188 22.34 11.38 -8.31
CA PHE B 188 21.16 11.28 -7.46
C PHE B 188 21.51 10.62 -6.14
N MET B 189 22.26 9.52 -6.17
CA MET B 189 22.57 8.78 -4.96
C MET B 189 23.61 9.48 -4.10
N GLU B 190 24.35 10.44 -4.66
CA GLU B 190 25.23 11.25 -3.82
C GLU B 190 24.40 12.22 -2.96
N LEU B 191 23.29 12.71 -3.50
CA LEU B 191 22.49 13.70 -2.81
C LEU B 191 21.33 13.11 -2.04
N TYR B 192 20.81 11.95 -2.46
CA TYR B 192 19.55 11.45 -1.90
C TYR B 192 19.66 10.07 -1.29
N SER B 193 20.86 9.54 -1.13
CA SER B 193 21.03 8.22 -0.52
C SER B 193 22.00 8.33 0.64
N CYS B 194 21.71 7.60 1.71
CA CYS B 194 22.59 7.50 2.87
C CYS B 194 23.64 6.42 2.72
N GLN B 195 23.72 5.78 1.55
CA GLN B 195 24.75 4.78 1.30
C GLN B 195 26.12 5.44 1.21
N LYS B 196 27.15 4.63 1.39
CA LYS B 196 28.51 5.13 1.40
C LYS B 196 29.09 5.13 0.00
N LEU B 197 30.16 5.91 -0.17
CA LEU B 197 30.86 6.04 -1.44
C LEU B 197 32.35 6.14 -1.17
N SER B 198 33.14 5.52 -2.04
CA SER B 198 34.59 5.64 -2.00
C SER B 198 35.17 6.28 -3.26
N GLY B 199 34.46 6.19 -4.38
CA GLY B 199 34.91 6.80 -5.62
C GLY B 199 35.62 5.84 -6.55
N SER B 200 36.43 4.95 -6.00
CA SER B 200 37.25 4.03 -6.79
C SER B 200 36.90 2.60 -6.43
N ILE B 201 36.58 1.80 -7.44
CA ILE B 201 36.38 0.37 -7.27
C ILE B 201 37.76 -0.27 -7.11
N VAL B 202 38.10 -0.63 -5.87
CA VAL B 202 39.37 -1.30 -5.58
C VAL B 202 39.13 -2.59 -4.81
N THR B 203 38.22 -2.55 -3.84
CA THR B 203 37.91 -3.65 -2.94
C THR B 203 36.65 -4.38 -3.40
N PRO B 204 36.47 -5.64 -2.98
CA PRO B 204 35.19 -6.32 -3.25
C PRO B 204 34.00 -5.74 -2.47
N LEU B 205 34.25 -4.95 -1.43
CA LEU B 205 33.16 -4.21 -0.80
C LEU B 205 32.65 -3.11 -1.70
N ASP B 206 33.52 -2.53 -2.52
CA ASP B 206 33.13 -1.40 -3.37
C ASP B 206 32.43 -1.85 -4.63
N VAL B 207 32.67 -3.08 -5.08
CA VAL B 207 31.86 -3.66 -6.16
C VAL B 207 30.44 -3.86 -5.68
N GLU B 208 30.29 -4.39 -4.46
CA GLU B 208 28.98 -4.64 -3.89
C GLU B 208 28.26 -3.34 -3.54
N ASN B 209 29.00 -2.33 -3.09
CA ASN B 209 28.40 -1.03 -2.82
C ASN B 209 28.02 -0.28 -4.09
N SER B 210 28.63 -0.61 -5.22
CA SER B 210 28.27 -0.01 -6.50
C SER B 210 27.19 -0.80 -7.23
N LEU B 211 26.83 -1.97 -6.73
CA LEU B 211 25.67 -2.68 -7.23
C LEU B 211 24.41 -2.34 -6.44
N LEU B 212 24.55 -1.83 -5.22
CA LEU B 212 23.43 -1.19 -4.55
C LEU B 212 23.01 0.10 -5.25
N GLN B 213 23.97 0.84 -5.79
CA GLN B 213 23.63 2.10 -6.45
C GLN B 213 23.06 1.90 -7.84
N LYS B 214 23.13 0.68 -8.39
CA LYS B 214 22.45 0.37 -9.63
C LYS B 214 21.11 -0.29 -9.39
N LEU B 215 21.04 -1.21 -8.42
CA LEU B 215 19.79 -1.87 -8.09
C LEU B 215 18.80 -0.91 -7.46
N SER B 216 19.21 -0.24 -6.38
CA SER B 216 18.30 0.54 -5.57
C SER B 216 18.20 1.99 -6.01
N ALA B 217 18.66 2.33 -7.21
CA ALA B 217 18.57 3.72 -7.66
C ALA B 217 17.15 4.11 -7.99
N LYS B 218 16.41 3.21 -8.65
CA LYS B 218 15.07 3.52 -9.13
C LYS B 218 14.07 3.62 -7.97
N SER B 219 14.24 2.83 -6.92
CA SER B 219 13.29 2.84 -5.82
C SER B 219 13.42 4.08 -4.96
N LEU B 220 14.61 4.68 -4.92
CA LEU B 220 14.77 5.97 -4.24
C LEU B 220 14.26 7.12 -5.09
N LYS B 221 14.32 6.98 -6.42
CA LYS B 221 13.74 7.97 -7.31
C LYS B 221 12.22 7.95 -7.21
N ILE B 222 11.63 6.75 -7.19
CA ILE B 222 10.18 6.59 -7.13
C ILE B 222 9.64 7.11 -5.80
N SER B 223 10.38 6.89 -4.72
CA SER B 223 9.98 7.35 -3.40
C SER B 223 10.07 8.87 -3.25
N LEU B 224 10.93 9.53 -4.02
CA LEU B 224 11.07 10.98 -3.93
C LEU B 224 9.93 11.71 -4.61
N THR B 225 9.29 11.09 -5.59
CA THR B 225 8.20 11.68 -6.34
C THR B 225 6.88 11.66 -5.58
N LYS B 226 6.85 11.20 -4.33
CA LYS B 226 5.65 11.21 -3.51
C LYS B 226 5.75 12.19 -2.35
N ARG B 227 6.56 13.24 -2.47
CA ARG B 227 6.88 14.07 -1.32
C ARG B 227 6.07 15.35 -1.24
N ASN B 228 6.03 16.14 -2.32
CA ASN B 228 5.26 17.38 -2.35
C ASN B 228 4.11 17.29 -3.32
N LYS B 229 3.44 16.13 -3.35
CA LYS B 229 2.43 15.75 -4.35
C LYS B 229 2.99 15.90 -5.76
N PHE B 230 4.25 15.49 -5.93
CA PHE B 230 4.84 15.45 -7.27
C PHE B 230 4.17 14.39 -8.12
N GLN B 231 3.74 13.31 -7.50
CA GLN B 231 3.04 12.22 -8.19
C GLN B 231 1.66 12.64 -8.69
N PHE B 232 1.12 13.76 -8.17
CA PHE B 232 -0.21 14.23 -8.53
C PHE B 232 -0.18 15.41 -9.48
N ARG B 233 0.90 16.18 -9.51
CA ARG B 233 1.05 17.24 -10.49
C ARG B 233 1.67 16.76 -11.79
N HIS B 234 2.40 15.64 -11.75
CA HIS B 234 3.17 15.13 -12.89
C HIS B 234 2.94 13.64 -13.05
N ARG B 235 1.66 13.25 -13.11
CA ARG B 235 1.24 11.85 -13.03
C ARG B 235 1.75 11.00 -14.18
N GLU B 236 2.05 11.58 -15.33
CA GLU B 236 2.40 10.77 -16.49
C GLU B 236 3.89 10.52 -16.65
N ILE B 237 4.74 11.36 -16.05
CA ILE B 237 6.16 11.05 -16.04
C ILE B 237 6.56 10.21 -14.82
N VAL B 238 5.78 10.28 -13.73
CA VAL B 238 5.95 9.35 -12.63
C VAL B 238 5.50 7.95 -13.05
N LYS B 239 4.47 7.87 -13.88
CA LYS B 239 3.98 6.59 -14.36
C LYS B 239 4.98 5.91 -15.30
N SER B 240 5.74 6.69 -16.07
CA SER B 240 6.77 6.12 -16.92
C SER B 240 8.00 5.67 -16.13
N MET B 241 8.17 6.17 -14.91
CA MET B 241 9.26 5.70 -14.06
C MET B 241 8.99 4.31 -13.53
N GLN B 242 7.71 3.96 -13.33
CA GLN B 242 7.35 2.65 -12.83
C GLN B 242 7.61 1.55 -13.86
N GLY B 243 7.64 1.89 -15.14
CA GLY B 243 7.67 0.90 -16.20
C GLY B 243 9.08 0.52 -16.64
N VAL B 244 9.21 -0.72 -17.11
CA VAL B 244 10.47 -1.22 -17.63
C VAL B 244 10.54 -0.93 -19.13
N TYR B 245 11.78 -0.83 -19.64
CA TYR B 245 12.19 -0.71 -21.05
C TYR B 245 11.95 0.67 -21.64
N HIS B 246 11.25 1.55 -20.92
CA HIS B 246 11.16 2.99 -21.18
C HIS B 246 10.60 3.27 -22.59
N ASN B 247 9.29 3.02 -22.72
CA ASN B 247 8.50 3.20 -23.95
C ASN B 247 8.80 4.51 -24.65
N HIS B 248 9.01 4.42 -25.97
CA HIS B 248 9.70 5.48 -26.71
C HIS B 248 8.85 6.72 -26.91
N HIS B 249 7.53 6.57 -26.92
CA HIS B 249 6.65 7.74 -27.06
C HIS B 249 6.64 8.57 -25.80
N ASN B 250 6.87 7.94 -24.63
CA ASN B 250 6.91 8.67 -23.38
C ASN B 250 8.12 9.59 -23.29
N SER B 251 9.26 9.17 -23.84
CA SER B 251 10.50 9.94 -23.67
C SER B 251 10.51 11.22 -24.48
N VAL B 252 9.76 11.28 -25.59
CA VAL B 252 9.63 12.53 -26.32
C VAL B 252 8.70 13.48 -25.59
N ASN B 253 7.61 12.94 -25.03
CA ASN B 253 6.70 13.77 -24.23
C ASN B 253 7.31 14.16 -22.90
N GLN B 254 8.22 13.35 -22.36
CA GLN B 254 8.89 13.69 -21.11
C GLN B 254 9.84 14.86 -21.28
N GLU B 255 10.49 14.97 -22.43
CA GLU B 255 11.34 16.12 -22.71
C GLU B 255 10.55 17.41 -22.87
N GLN B 256 9.26 17.32 -23.21
CA GLN B 256 8.44 18.51 -23.35
C GLN B 256 8.07 19.08 -21.98
N VAL B 257 7.74 18.22 -21.02
CA VAL B 257 7.36 18.68 -19.69
C VAL B 257 8.58 19.21 -18.95
N LEU B 258 9.74 18.59 -19.18
CA LEU B 258 10.97 19.02 -18.52
C LEU B 258 11.45 20.36 -19.06
N ASN B 259 11.28 20.60 -20.36
CA ASN B 259 11.65 21.89 -20.93
C ASN B 259 10.69 22.99 -20.51
N VAL B 260 9.40 22.67 -20.36
CA VAL B 260 8.44 23.65 -19.88
C VAL B 260 8.69 23.96 -18.41
N LEU B 261 9.03 22.92 -17.62
CA LEU B 261 9.37 23.12 -16.22
C LEU B 261 10.65 23.92 -16.05
N PHE B 262 11.59 23.79 -16.98
CA PHE B 262 12.85 24.52 -16.87
C PHE B 262 12.68 25.97 -17.32
N GLU B 263 11.94 26.21 -18.40
CA GLU B 263 11.70 27.58 -18.86
C GLU B 263 10.83 28.35 -17.89
N ASN B 264 9.94 27.65 -17.18
CA ASN B 264 9.22 28.27 -16.07
C ASN B 264 10.18 28.59 -14.92
N SER B 265 11.14 27.70 -14.66
CA SER B 265 12.05 27.85 -13.54
C SER B 265 13.02 29.00 -13.74
N LYS B 266 13.40 29.30 -14.98
CA LYS B 266 14.23 30.47 -15.24
C LYS B 266 13.47 31.75 -14.98
N GLN B 267 12.18 31.78 -15.30
CA GLN B 267 11.37 32.97 -15.02
C GLN B 267 11.13 33.15 -13.54
N VAL B 268 11.17 32.07 -12.77
CA VAL B 268 11.15 32.18 -11.32
C VAL B 268 12.47 32.73 -10.81
N LEU B 269 13.58 32.19 -11.32
CA LEU B 269 14.90 32.54 -10.79
C LEU B 269 15.33 33.93 -11.23
N LEU B 270 14.96 34.35 -12.43
CA LEU B 270 15.25 35.72 -12.86
C LEU B 270 14.36 36.74 -12.18
N GLY B 271 13.24 36.31 -11.61
CA GLY B 271 12.34 37.22 -10.92
C GLY B 271 12.62 37.30 -9.44
N LEU B 272 13.31 36.30 -8.90
CA LEU B 272 13.67 36.30 -7.48
C LEU B 272 14.71 37.36 -7.17
N LYS B 273 15.56 37.69 -8.15
CA LYS B 273 16.71 38.56 -7.92
C LYS B 273 16.34 39.99 -7.60
N ASP B 274 15.10 40.40 -7.86
CA ASP B 274 14.67 41.78 -7.66
C ASP B 274 14.06 42.02 -6.29
N MET B 275 14.11 41.03 -5.39
CA MET B 275 13.53 41.25 -4.06
C MET B 275 14.36 40.66 -2.93
N LEU B 276 15.65 40.41 -3.13
CA LEU B 276 16.49 39.77 -2.11
C LEU B 276 17.10 40.84 -1.20
N LYS B 277 16.22 41.48 -0.42
CA LYS B 277 16.62 42.54 0.50
C LYS B 277 15.94 42.29 1.83
N SER B 278 16.73 41.94 2.84
CA SER B 278 16.22 41.65 4.18
C SER B 278 16.48 42.84 5.08
N ASP B 279 15.44 43.29 5.78
CA ASP B 279 15.54 44.38 6.75
C ASP B 279 15.61 43.84 8.18
N GLY B 280 16.26 42.70 8.34
CA GLY B 280 16.44 42.10 9.65
C GLY B 280 16.93 40.66 9.56
N GLN B 281 16.29 39.78 10.33
CA GLN B 281 16.55 38.35 10.20
C GLN B 281 16.04 37.86 8.85
N PRO B 282 16.68 36.87 8.25
CA PRO B 282 16.15 36.27 7.01
C PRO B 282 14.78 35.65 7.23
N THR B 283 13.85 35.96 6.33
CA THR B 283 12.51 35.42 6.41
C THR B 283 12.51 33.95 6.01
N TYR B 284 11.34 33.31 6.13
CA TYR B 284 11.24 31.91 5.75
C TYR B 284 11.24 31.71 4.24
N LEU B 285 11.09 32.79 3.47
CA LEU B 285 11.30 32.73 2.03
C LEU B 285 12.76 32.90 1.66
N HIS B 286 13.51 33.69 2.44
CA HIS B 286 14.93 33.88 2.16
C HIS B 286 15.73 32.62 2.45
N LEU B 287 15.33 31.86 3.49
CA LEU B 287 15.92 30.55 3.69
C LEU B 287 15.40 29.54 2.69
N LYS B 288 14.26 29.83 2.06
CA LYS B 288 13.72 28.94 1.05
C LYS B 288 14.46 29.10 -0.26
N ILE B 289 14.77 30.34 -0.67
CA ILE B 289 15.55 30.57 -1.88
C ILE B 289 16.97 30.06 -1.69
N ALA B 290 17.57 30.34 -0.53
CA ALA B 290 18.96 29.97 -0.28
C ALA B 290 19.16 28.47 -0.23
N SER B 291 18.14 27.73 0.17
CA SER B 291 18.24 26.27 0.22
C SER B 291 18.14 25.63 -1.15
N TYR B 292 17.65 26.36 -2.15
CA TYR B 292 17.63 25.86 -3.51
C TYR B 292 18.92 26.18 -4.26
N ILE B 293 19.47 27.38 -4.05
CA ILE B 293 20.72 27.74 -4.71
C ILE B 293 21.90 26.97 -4.12
N LEU B 294 21.85 26.66 -2.82
CA LEU B 294 22.94 25.93 -2.20
C LEU B 294 22.96 24.46 -2.56
N CYS B 295 21.81 23.91 -2.95
CA CYS B 295 21.75 22.51 -3.35
C CYS B 295 21.88 22.32 -4.85
N ILE B 296 21.56 23.34 -5.64
CA ILE B 296 21.74 23.24 -7.09
C ILE B 296 23.22 23.40 -7.44
N THR B 297 23.91 24.32 -6.77
CA THR B 297 25.33 24.51 -6.98
C THR B 297 26.19 23.43 -6.33
N ASN B 298 25.60 22.53 -5.55
CA ASN B 298 26.30 21.35 -5.07
C ASN B 298 26.35 20.23 -6.10
N VAL B 299 25.54 20.33 -7.16
CA VAL B 299 25.50 19.27 -8.17
C VAL B 299 26.76 19.35 -9.01
N LYS B 300 27.54 18.26 -9.02
CA LYS B 300 28.79 18.22 -9.77
C LYS B 300 28.58 18.02 -11.26
N GLU B 301 27.42 17.57 -11.67
CA GLU B 301 27.13 17.34 -13.07
C GLU B 301 26.52 18.59 -13.71
N PRO B 302 26.70 18.79 -15.01
CA PRO B 302 26.12 20.00 -15.62
C PRO B 302 24.63 19.84 -15.95
N ILE B 303 23.81 19.84 -14.90
CA ILE B 303 22.38 20.01 -15.10
C ILE B 303 22.11 21.46 -15.48
N LYS B 304 21.01 21.68 -16.19
CA LYS B 304 20.70 23.01 -16.72
C LYS B 304 20.36 24.02 -15.64
N LEU B 305 19.92 23.58 -14.46
CA LEU B 305 19.73 24.52 -13.36
C LEU B 305 21.07 25.00 -12.81
N LYS B 306 22.08 24.13 -12.78
CA LYS B 306 23.38 24.52 -12.27
C LYS B 306 24.07 25.47 -13.24
N THR B 307 23.95 25.20 -14.55
CA THR B 307 24.51 26.08 -15.56
C THR B 307 23.79 27.43 -15.58
N PHE B 308 22.51 27.46 -15.21
CA PHE B 308 21.78 28.72 -15.24
C PHE B 308 22.10 29.59 -14.03
N VAL B 309 22.09 29.01 -12.83
CA VAL B 309 22.27 29.83 -11.63
C VAL B 309 23.71 30.26 -11.44
N GLU B 310 24.67 29.59 -12.07
CA GLU B 310 26.06 29.97 -11.90
C GLU B 310 26.48 31.02 -12.91
N ASN B 311 25.86 31.02 -14.09
CA ASN B 311 26.22 31.97 -15.13
C ASN B 311 25.26 33.16 -15.22
N GLU B 312 23.96 32.90 -15.11
CA GLU B 312 22.96 33.95 -15.29
C GLU B 312 22.37 34.48 -13.99
N CYS B 313 22.63 33.82 -12.86
CA CYS B 313 22.07 34.21 -11.58
C CYS B 313 23.16 34.31 -10.53
N LYS B 314 24.23 35.03 -10.85
CA LYS B 314 25.32 35.25 -9.90
C LYS B 314 24.89 36.10 -8.70
N GLU B 315 23.82 36.88 -8.82
CA GLU B 315 23.28 37.61 -7.69
C GLU B 315 22.52 36.70 -6.74
N LEU B 316 22.09 35.52 -7.21
CA LEU B 316 21.44 34.56 -6.33
C LEU B 316 22.43 33.70 -5.58
N VAL B 317 23.56 33.39 -6.20
CA VAL B 317 24.60 32.60 -5.56
C VAL B 317 25.22 33.38 -4.40
N GLN B 318 25.44 34.68 -4.61
CA GLN B 318 25.97 35.54 -3.55
C GLN B 318 24.97 35.71 -2.41
N PHE B 319 23.67 35.69 -2.71
CA PHE B 319 22.65 35.79 -1.67
C PHE B 319 22.60 34.52 -0.84
N ALA B 320 22.82 33.36 -1.46
CA ALA B 320 22.77 32.09 -0.75
C ALA B 320 23.98 31.83 0.13
N GLN B 321 25.01 32.67 0.04
CA GLN B 321 26.12 32.62 0.98
C GLN B 321 26.04 33.70 2.04
N ASP B 322 25.34 34.81 1.75
CA ASP B 322 25.17 35.85 2.74
C ASP B 322 24.18 35.43 3.82
N THR B 323 23.19 34.61 3.47
CA THR B 323 22.24 34.10 4.45
C THR B 323 22.77 32.87 5.17
N LEU B 324 23.70 32.13 4.55
CA LEU B 324 24.36 31.02 5.24
C LEU B 324 25.28 31.52 6.34
N LYS B 325 25.83 32.72 6.20
CA LYS B 325 26.75 33.28 7.19
C LYS B 325 26.03 33.88 8.40
N ASN B 326 24.70 33.77 8.46
CA ASN B 326 23.99 34.08 9.70
C ASN B 326 24.01 32.92 10.67
N PHE B 327 24.26 31.70 10.19
CA PHE B 327 24.12 30.50 11.00
C PHE B 327 25.43 29.74 11.18
N VAL B 328 26.57 30.42 10.99
CA VAL B 328 27.87 29.81 11.19
C VAL B 328 28.66 30.70 12.16
N GLN B 329 29.88 30.25 12.47
CA GLN B 329 30.74 30.96 13.41
C GLN B 329 32.10 31.26 12.77
N VAL C 2 2.68 33.66 -31.96
CA VAL C 2 3.45 32.47 -32.33
C VAL C 2 2.48 31.49 -33.01
N LYS C 3 2.99 30.72 -33.97
CA LYS C 3 2.16 29.91 -34.86
C LYS C 3 1.97 28.52 -34.26
N GLY C 4 0.72 28.16 -34.00
CA GLY C 4 0.42 26.85 -33.47
C GLY C 4 -1.07 26.69 -33.25
N SER C 5 -1.44 25.51 -32.75
CA SER C 5 -2.84 25.15 -32.57
C SER C 5 -3.10 24.78 -31.11
N VAL C 6 -4.13 25.37 -30.52
CA VAL C 6 -4.45 25.19 -29.11
C VAL C 6 -5.61 24.21 -29.00
N HIS C 7 -5.42 23.14 -28.24
CA HIS C 7 -6.45 22.12 -28.08
C HIS C 7 -7.13 22.26 -26.74
N LEU C 8 -8.46 22.16 -26.73
CA LEU C 8 -9.25 22.44 -25.53
C LEU C 8 -10.27 21.34 -25.27
N TRP C 9 -11.20 21.58 -24.35
CA TRP C 9 -12.12 20.54 -23.90
C TRP C 9 -13.55 20.70 -24.40
N GLY C 10 -13.95 21.88 -24.85
CA GLY C 10 -15.35 22.15 -25.13
C GLY C 10 -15.85 21.55 -26.42
N LYS C 11 -16.99 22.08 -26.87
CA LYS C 11 -17.63 21.65 -28.10
C LYS C 11 -18.45 22.80 -28.65
N ASP C 12 -18.26 23.10 -29.94
CA ASP C 12 -19.01 24.10 -30.70
C ASP C 12 -18.85 25.50 -30.09
N GLY C 13 -17.59 25.92 -29.94
CA GLY C 13 -17.27 27.28 -29.57
C GLY C 13 -17.40 27.56 -28.08
N GLU C 14 -18.00 26.66 -27.31
CA GLU C 14 -18.14 26.83 -25.87
C GLU C 14 -17.25 25.85 -25.13
N ALA C 15 -16.39 26.38 -24.26
CA ALA C 15 -15.46 25.54 -23.50
C ALA C 15 -16.23 24.76 -22.45
N SER C 16 -15.74 23.56 -22.17
CA SER C 16 -16.43 22.66 -21.25
C SER C 16 -16.21 23.12 -19.81
N LEU C 17 -17.19 22.83 -18.96
CA LEU C 17 -17.15 23.27 -17.58
C LEU C 17 -16.42 22.30 -16.66
N ILE C 18 -15.89 21.21 -17.20
CA ILE C 18 -15.09 20.26 -16.44
C ILE C 18 -13.66 20.76 -16.36
N SER C 19 -13.37 21.85 -17.06
CA SER C 19 -12.03 22.40 -17.11
C SER C 19 -12.13 23.90 -16.90
N VAL C 20 -11.65 24.35 -15.73
CA VAL C 20 -11.55 25.79 -15.47
C VAL C 20 -10.43 26.42 -16.28
N ASP C 21 -9.51 25.62 -16.82
CA ASP C 21 -8.39 26.14 -17.58
C ASP C 21 -8.78 26.41 -19.03
N SER C 22 -9.63 25.57 -19.63
CA SER C 22 -10.07 25.80 -21.00
C SER C 22 -11.08 26.93 -21.09
N ILE C 23 -11.85 27.17 -20.02
CA ILE C 23 -12.72 28.33 -19.97
C ILE C 23 -11.88 29.59 -19.87
N ALA C 24 -10.80 29.54 -19.09
CA ALA C 24 -9.91 30.68 -18.94
C ALA C 24 -9.12 30.95 -20.22
N LEU C 25 -8.90 29.92 -21.04
CA LEU C 25 -8.12 30.07 -22.25
C LEU C 25 -8.95 30.52 -23.45
N VAL C 26 -10.26 30.25 -23.44
CA VAL C 26 -11.15 30.95 -24.37
C VAL C 26 -11.27 32.41 -24.00
N TRP C 27 -11.34 32.71 -22.70
CA TRP C 27 -11.42 34.09 -22.24
C TRP C 27 -10.12 34.83 -22.46
N PHE C 28 -9.00 34.11 -22.48
CA PHE C 28 -7.69 34.74 -22.70
C PHE C 28 -7.58 35.29 -24.10
N ILE C 29 -7.90 34.47 -25.11
CA ILE C 29 -7.84 34.89 -26.50
C ILE C 29 -8.98 35.84 -26.84
N LYS C 30 -10.07 35.80 -26.09
CA LYS C 30 -11.14 36.78 -26.27
C LYS C 30 -10.68 38.18 -25.87
N LEU C 31 -9.98 38.30 -24.76
CA LEU C 31 -9.60 39.60 -24.23
C LEU C 31 -8.25 40.09 -24.74
N CYS C 32 -7.59 39.32 -25.61
CA CYS C 32 -6.34 39.76 -26.22
C CYS C 32 -6.67 40.62 -27.43
N THR C 33 -6.93 41.90 -27.16
CA THR C 33 -7.32 42.85 -28.20
C THR C 33 -6.36 44.00 -28.39
N SER C 34 -5.50 44.29 -27.41
CA SER C 34 -4.50 45.33 -27.59
C SER C 34 -3.41 44.87 -28.55
N GLU C 35 -2.56 45.82 -28.97
CA GLU C 35 -1.58 45.55 -30.02
C GLU C 35 -0.47 44.64 -29.52
N GLU C 36 -0.04 44.82 -28.27
CA GLU C 36 0.95 43.90 -27.71
C GLU C 36 0.31 42.57 -27.30
N ALA C 37 -0.97 42.60 -26.91
CA ALA C 37 -1.63 41.40 -26.44
C ALA C 37 -2.08 40.50 -27.58
N LYS C 38 -2.29 41.05 -28.76
CA LYS C 38 -2.73 40.26 -29.90
C LYS C 38 -1.56 39.58 -30.61
N SER C 39 -0.37 40.19 -30.56
CA SER C 39 0.78 39.69 -31.31
C SER C 39 1.31 38.37 -30.75
N MET C 40 1.08 38.08 -29.47
CA MET C 40 1.44 36.79 -28.92
C MET C 40 0.39 35.73 -29.16
N VAL C 41 -0.79 36.12 -29.64
CA VAL C 41 -1.90 35.19 -29.81
C VAL C 41 -2.37 35.10 -31.25
N ALA C 42 -1.95 36.02 -32.11
CA ALA C 42 -2.29 35.96 -33.54
C ALA C 42 -1.50 34.83 -34.17
N GLY C 43 -2.20 33.78 -34.59
CA GLY C 43 -1.56 32.59 -35.13
C GLY C 43 -1.99 31.35 -34.39
N LEU C 44 -2.89 31.53 -33.42
CA LEU C 44 -3.37 30.44 -32.59
C LEU C 44 -4.76 30.04 -33.06
N GLN C 45 -4.83 28.92 -33.78
CA GLN C 45 -6.10 28.35 -34.21
C GLN C 45 -6.57 27.35 -33.16
N ILE C 46 -7.61 27.71 -32.41
CA ILE C 46 -8.00 26.90 -31.28
C ILE C 46 -8.86 25.73 -31.74
N VAL C 47 -8.65 24.58 -31.12
CA VAL C 47 -9.27 23.32 -31.52
C VAL C 47 -9.99 22.77 -30.31
N PHE C 48 -11.22 22.31 -30.49
CA PHE C 48 -11.93 21.61 -29.43
C PHE C 48 -11.84 20.10 -29.68
N SER C 49 -10.61 19.60 -29.54
CA SER C 49 -10.27 18.27 -30.04
C SER C 49 -10.74 17.15 -29.13
N ASN C 50 -10.85 17.41 -27.83
CA ASN C 50 -11.43 16.52 -26.82
C ASN C 50 -10.67 15.21 -26.62
N ASN C 51 -9.41 15.10 -27.04
CA ASN C 51 -8.62 13.92 -26.71
C ASN C 51 -7.31 14.33 -26.04
N THR C 52 -6.99 13.70 -24.92
CA THR C 52 -5.77 13.99 -24.20
C THR C 52 -4.57 13.20 -24.70
N ASP C 53 -4.70 12.52 -25.83
CA ASP C 53 -3.55 11.85 -26.44
C ASP C 53 -2.70 12.80 -27.27
N LEU C 54 -3.16 14.04 -27.47
CA LEU C 54 -2.36 15.10 -28.07
C LEU C 54 -1.61 15.89 -27.03
N SER C 55 -1.70 15.53 -25.76
CA SER C 55 -1.04 16.23 -24.67
C SER C 55 0.30 15.57 -24.34
N SER C 56 1.12 16.33 -23.63
CA SER C 56 2.32 15.78 -23.00
C SER C 56 2.07 15.38 -21.55
N ASP C 57 1.14 16.06 -20.88
CA ASP C 57 0.75 15.76 -19.51
C ASP C 57 -0.46 14.85 -19.43
N GLY C 58 -1.07 14.50 -20.56
CA GLY C 58 -2.40 13.91 -20.52
C GLY C 58 -3.45 14.86 -20.02
N LYS C 59 -3.28 16.16 -20.26
CA LYS C 59 -4.12 17.21 -19.72
C LYS C 59 -4.29 18.26 -20.81
N LEU C 60 -5.55 18.60 -21.12
CA LEU C 60 -5.90 19.19 -22.41
C LEU C 60 -6.38 20.64 -22.35
N PRO C 61 -5.63 21.52 -21.76
CA PRO C 61 -5.29 22.78 -22.44
C PRO C 61 -3.91 22.72 -23.07
N VAL C 62 -3.73 22.17 -24.27
CA VAL C 62 -2.40 22.02 -24.86
C VAL C 62 -2.18 23.06 -25.94
N LEU C 63 -0.98 23.63 -25.98
CA LEU C 63 -0.51 24.47 -27.08
C LEU C 63 0.55 23.69 -27.83
N ILE C 64 0.20 23.16 -28.98
CA ILE C 64 1.16 22.57 -29.89
C ILE C 64 1.56 23.64 -30.89
N LEU C 65 2.84 23.66 -31.28
CA LEU C 65 3.45 24.85 -31.85
C LEU C 65 4.02 24.61 -33.26
N ASP C 66 3.58 23.54 -33.93
CA ASP C 66 3.95 23.16 -35.29
C ASP C 66 5.45 22.90 -35.48
N ASN C 67 6.20 22.74 -34.39
CA ASN C 67 7.57 22.25 -34.46
C ASN C 67 7.83 21.17 -33.41
N GLY C 68 6.77 20.60 -32.84
CA GLY C 68 6.90 19.58 -31.84
C GLY C 68 6.87 20.07 -30.40
N THR C 69 6.57 21.35 -30.17
CA THR C 69 6.62 21.93 -28.84
C THR C 69 5.21 21.94 -28.25
N LYS C 70 4.99 21.12 -27.23
CA LYS C 70 3.71 21.02 -26.55
C LYS C 70 3.82 21.66 -25.17
N VAL C 71 3.02 22.70 -24.94
CA VAL C 71 2.92 23.35 -23.64
C VAL C 71 1.52 23.06 -23.11
N SER C 72 1.45 22.38 -21.97
CA SER C 72 0.19 21.88 -21.43
C SER C 72 -0.17 22.61 -20.15
N GLY C 73 -1.46 22.90 -19.99
CA GLY C 73 -1.95 23.63 -18.84
C GLY C 73 -2.13 25.12 -19.15
N TYR C 74 -2.98 25.76 -18.36
CA TYR C 74 -3.27 27.17 -18.62
C TYR C 74 -2.13 28.06 -18.15
N VAL C 75 -1.53 27.76 -17.01
CA VAL C 75 -0.47 28.60 -16.47
C VAL C 75 0.81 28.45 -17.28
N ASN C 76 1.04 27.25 -17.82
CA ASN C 76 2.23 27.05 -18.64
C ASN C 76 2.10 27.70 -20.00
N ILE C 77 0.88 27.72 -20.55
CA ILE C 77 0.65 28.31 -21.87
C ILE C 77 0.78 29.82 -21.80
N VAL C 78 0.16 30.43 -20.79
CA VAL C 78 0.12 31.89 -20.67
C VAL C 78 1.52 32.45 -20.42
N GLN C 79 2.30 31.81 -19.56
CA GLN C 79 3.67 32.24 -19.34
C GLN C 79 4.55 31.96 -20.54
N PHE C 80 4.19 30.97 -21.37
CA PHE C 80 4.87 30.79 -22.65
C PHE C 80 4.49 31.87 -23.64
N LEU C 81 3.24 32.36 -23.59
CA LEU C 81 2.81 33.38 -24.53
C LEU C 81 3.28 34.77 -24.13
N HIS C 82 3.42 35.03 -22.83
CA HIS C 82 3.99 36.30 -22.38
C HIS C 82 5.49 36.37 -22.61
N LYS C 83 6.14 35.23 -22.83
CA LYS C 83 7.57 35.16 -23.08
C LYS C 83 7.89 35.42 -24.55
N ASN C 84 7.06 34.93 -25.46
CA ASN C 84 7.28 35.07 -26.90
C ASN C 84 6.70 36.36 -27.46
N ILE C 85 6.47 37.38 -26.62
CA ILE C 85 6.10 38.70 -27.11
C ILE C 85 7.32 39.33 -27.77
N CYS C 86 7.12 39.87 -28.98
CA CYS C 86 8.20 40.52 -29.70
C CYS C 86 8.64 41.82 -29.02
N THR C 87 7.77 42.43 -28.22
CA THR C 87 8.07 43.74 -27.53
C THR C 87 8.66 44.88 -28.31
N SER C 88 8.05 45.15 -29.45
CA SER C 88 8.47 46.23 -30.27
C SER C 88 7.82 47.41 -29.68
N GLU C 97 -5.96 51.23 -20.43
CA GLU C 97 -6.45 49.88 -20.15
C GLU C 97 -7.94 49.51 -20.20
N GLU C 98 -8.29 48.69 -21.19
CA GLU C 98 -9.66 48.24 -21.37
C GLU C 98 -9.88 46.73 -21.38
N ASP C 99 -8.83 45.94 -21.52
CA ASP C 99 -8.94 44.49 -21.69
C ASP C 99 -7.81 43.86 -20.88
N LEU C 100 -7.50 42.60 -21.21
CA LEU C 100 -6.34 41.92 -20.64
C LEU C 100 -5.06 42.69 -20.97
N ALA C 101 -4.35 43.11 -19.93
CA ALA C 101 -3.13 43.88 -20.08
C ALA C 101 -1.93 43.02 -19.73
N ILE C 102 -0.81 43.28 -20.40
CA ILE C 102 0.43 42.55 -20.14
C ILE C 102 1.06 43.10 -18.88
N VAL C 103 1.48 42.20 -17.99
CA VAL C 103 2.08 42.60 -16.73
C VAL C 103 3.52 43.03 -16.97
N GLY C 104 3.94 44.09 -16.28
CA GLY C 104 5.28 44.63 -16.50
C GLY C 104 6.28 43.73 -15.79
N LYS C 105 7.56 44.00 -16.02
CA LYS C 105 8.62 43.13 -15.53
C LYS C 105 8.82 43.24 -14.02
N LYS C 106 8.42 44.37 -13.42
CA LYS C 106 8.54 44.53 -11.98
C LYS C 106 7.52 43.67 -11.26
N ASP C 107 6.47 43.20 -11.94
CA ASP C 107 5.41 42.43 -11.32
C ASP C 107 5.22 41.07 -11.98
N ARG C 108 6.21 40.60 -12.75
CA ARG C 108 6.08 39.32 -13.44
C ARG C 108 6.14 38.13 -12.50
N LEU C 109 6.68 38.31 -11.30
CA LEU C 109 6.79 37.20 -10.35
C LEU C 109 5.53 37.05 -9.50
N LEU C 110 4.93 38.17 -9.09
CA LEU C 110 3.68 38.10 -8.35
C LEU C 110 2.53 37.64 -9.23
N GLU C 111 2.57 37.95 -10.53
CA GLU C 111 1.56 37.43 -11.45
C GLU C 111 1.72 35.95 -11.71
N TYR C 112 2.95 35.45 -11.74
CA TYR C 112 3.16 34.01 -11.88
C TYR C 112 2.91 33.30 -10.57
N SER C 113 3.10 33.98 -9.44
CA SER C 113 2.79 33.39 -8.15
C SER C 113 1.28 33.30 -7.94
N LEU C 114 0.54 34.32 -8.38
CA LEU C 114 -0.92 34.28 -8.28
C LEU C 114 -1.53 33.33 -9.29
N LEU C 115 -0.93 33.20 -10.48
CA LEU C 115 -1.38 32.20 -11.43
C LEU C 115 -1.15 30.79 -10.91
N ASN C 116 -0.01 30.56 -10.26
CA ASN C 116 0.30 29.24 -9.72
C ASN C 116 -0.52 28.93 -8.49
N TYR C 117 -0.98 29.95 -7.76
CA TYR C 117 -1.76 29.70 -6.55
C TYR C 117 -3.14 29.17 -6.89
N VAL C 118 -3.78 29.73 -7.93
CA VAL C 118 -5.08 29.24 -8.36
C VAL C 118 -4.97 27.83 -8.92
N ASP C 119 -3.85 27.51 -9.57
CA ASP C 119 -3.73 26.21 -10.23
C ASP C 119 -3.51 25.09 -9.23
N VAL C 120 -2.92 25.35 -8.07
CA VAL C 120 -2.60 24.29 -7.13
C VAL C 120 -3.47 24.34 -5.87
N GLU C 121 -4.11 25.45 -5.56
CA GLU C 121 -4.92 25.56 -4.35
C GLU C 121 -6.40 25.74 -4.64
N ILE C 122 -6.74 26.57 -5.62
CA ILE C 122 -8.14 26.87 -5.91
C ILE C 122 -8.71 25.94 -6.97
N SER C 123 -7.94 25.62 -8.02
CA SER C 123 -8.41 24.66 -9.02
C SER C 123 -8.44 23.24 -8.47
N ARG C 124 -7.79 22.99 -7.34
CA ARG C 124 -7.97 21.74 -6.62
C ARG C 124 -9.39 21.64 -6.07
N LEU C 125 -9.92 22.77 -5.57
CA LEU C 125 -11.25 22.79 -4.97
C LEU C 125 -12.37 22.67 -6.00
N THR C 126 -12.13 23.08 -7.25
CA THR C 126 -13.16 22.94 -8.27
C THR C 126 -13.22 21.52 -8.80
N ASP C 127 -12.10 20.81 -8.81
CA ASP C 127 -12.13 19.39 -9.12
C ASP C 127 -12.74 18.58 -7.99
N TYR C 128 -12.85 19.14 -6.79
CA TYR C 128 -13.68 18.53 -5.76
C TYR C 128 -15.15 18.72 -6.09
N GLN C 129 -15.52 19.87 -6.66
CA GLN C 129 -16.93 20.15 -6.86
C GLN C 129 -17.47 19.49 -8.11
N LEU C 130 -16.73 19.51 -9.21
CA LEU C 130 -17.21 18.83 -10.41
C LEU C 130 -17.19 17.32 -10.29
N PHE C 131 -16.40 16.76 -9.38
CA PHE C 131 -16.17 15.33 -9.40
C PHE C 131 -16.48 14.63 -8.08
N LEU C 132 -16.07 15.21 -6.95
CA LEU C 132 -16.25 14.52 -5.69
C LEU C 132 -17.53 14.90 -4.96
N ASN C 133 -18.24 15.91 -5.44
CA ASN C 133 -19.57 16.21 -4.93
C ASN C 133 -20.58 15.34 -5.65
N THR C 134 -21.30 14.49 -4.91
CA THR C 134 -22.16 13.49 -5.51
C THR C 134 -23.41 14.11 -6.13
N LYS C 135 -23.95 15.17 -5.52
CA LYS C 135 -25.05 15.90 -6.15
C LYS C 135 -24.60 16.58 -7.44
N ASN C 136 -23.45 17.25 -7.40
CA ASN C 136 -22.94 17.96 -8.56
C ASN C 136 -22.45 17.02 -9.65
N TYR C 137 -22.08 15.80 -9.32
CA TYR C 137 -21.53 14.92 -10.35
C TYR C 137 -22.64 14.33 -11.22
N ASN C 138 -23.59 13.62 -10.59
CA ASN C 138 -24.57 12.85 -11.34
C ASN C 138 -25.60 13.75 -12.02
N GLU C 139 -25.91 14.89 -11.42
CA GLU C 139 -26.90 15.78 -12.02
C GLU C 139 -26.32 16.58 -13.17
N TYR C 140 -25.02 16.89 -13.15
CA TYR C 140 -24.41 17.65 -14.23
C TYR C 140 -23.28 16.93 -14.94
N THR C 141 -22.27 16.46 -14.22
CA THR C 141 -20.97 16.21 -14.81
C THR C 141 -20.88 14.93 -15.64
N LYS C 142 -21.51 13.83 -15.20
CA LYS C 142 -21.46 12.61 -15.99
C LYS C 142 -22.28 12.69 -17.28
N LYS C 143 -23.16 13.69 -17.40
CA LYS C 143 -23.89 13.95 -18.62
C LYS C 143 -23.05 14.67 -19.68
N LEU C 144 -21.81 15.02 -19.38
CA LEU C 144 -20.97 15.80 -20.27
C LEU C 144 -20.06 14.94 -21.15
N PHE C 145 -19.50 13.87 -20.59
CA PHE C 145 -18.51 13.08 -21.31
C PHE C 145 -19.11 12.21 -22.39
N SER C 146 -20.43 12.06 -22.43
CA SER C 146 -21.07 11.37 -23.54
C SER C 146 -21.03 12.21 -24.81
N LYS C 147 -20.99 13.53 -24.67
CA LYS C 147 -21.00 14.43 -25.81
C LYS C 147 -19.61 14.84 -26.27
N LEU C 148 -18.65 14.91 -25.35
CA LEU C 148 -17.30 15.37 -25.70
C LEU C 148 -16.49 14.28 -26.38
N LEU C 149 -16.55 13.06 -25.85
CA LEU C 149 -15.68 11.98 -26.30
C LEU C 149 -16.37 11.16 -27.39
N TYR C 150 -15.66 10.16 -27.88
CA TYR C 150 -16.22 9.24 -28.86
C TYR C 150 -16.87 8.06 -28.14
N PHE C 151 -17.55 7.21 -28.93
CA PHE C 151 -18.58 6.32 -28.39
C PHE C 151 -18.07 5.25 -27.41
N PRO C 152 -17.01 4.42 -27.71
CA PRO C 152 -16.65 3.41 -26.71
C PRO C 152 -15.91 4.01 -25.52
N MET C 153 -15.21 5.12 -25.75
CA MET C 153 -14.42 5.79 -24.72
C MET C 153 -15.25 6.89 -24.04
N TRP C 154 -16.43 6.52 -23.58
CA TRP C 154 -17.29 7.44 -22.86
C TRP C 154 -17.08 7.36 -21.36
N TYR C 155 -16.47 6.28 -20.88
CA TYR C 155 -16.50 5.94 -19.46
C TYR C 155 -15.14 5.83 -18.80
N ASN C 156 -14.10 5.43 -19.54
CA ASN C 156 -12.78 5.25 -18.93
C ASN C 156 -12.09 6.58 -18.67
N THR C 157 -12.45 7.62 -19.40
CA THR C 157 -11.80 8.93 -19.30
C THR C 157 -12.24 9.72 -18.06
N PRO C 158 -13.53 9.79 -17.67
CA PRO C 158 -13.79 10.38 -16.35
C PRO C 158 -13.46 9.46 -15.20
N LEU C 159 -13.26 8.15 -15.44
CA LEU C 159 -12.92 7.20 -14.38
C LEU C 159 -11.62 7.56 -13.71
N GLN C 160 -10.64 8.02 -14.48
CA GLN C 160 -9.40 8.49 -13.87
C GLN C 160 -9.58 9.88 -13.27
N LEU C 161 -10.52 10.68 -13.78
CA LEU C 161 -10.64 12.07 -13.37
C LEU C 161 -11.22 12.25 -11.98
N ARG C 162 -11.81 11.21 -11.39
CA ARG C 162 -12.20 11.25 -9.98
C ARG C 162 -11.20 10.55 -9.08
N SER C 163 -10.46 9.58 -9.62
CA SER C 163 -9.25 9.13 -8.96
C SER C 163 -8.29 10.29 -8.80
N GLN C 164 -8.10 11.07 -9.87
CA GLN C 164 -7.21 12.22 -9.82
C GLN C 164 -7.75 13.35 -8.95
N ALA C 165 -9.07 13.39 -8.73
CA ALA C 165 -9.64 14.40 -7.86
C ALA C 165 -9.73 13.96 -6.41
N ARG C 166 -9.77 12.65 -6.14
CA ARG C 166 -9.75 12.19 -4.76
C ARG C 166 -8.34 12.14 -4.21
N GLU C 167 -7.33 12.00 -5.07
CA GLU C 167 -5.95 12.05 -4.62
C GLU C 167 -5.52 13.48 -4.36
N ASN C 168 -6.03 14.41 -5.15
CA ASN C 168 -5.63 15.81 -5.05
C ASN C 168 -6.26 16.50 -3.84
N CYS C 169 -7.43 16.05 -3.41
CA CYS C 169 -8.14 16.67 -2.29
C CYS C 169 -8.22 15.76 -1.07
N GLU C 170 -7.32 14.79 -0.95
CA GLU C 170 -7.41 13.83 0.16
C GLU C 170 -6.98 14.41 1.49
N GLU C 171 -6.25 15.52 1.49
CA GLU C 171 -5.67 16.04 2.72
C GLU C 171 -6.49 17.14 3.37
N ILE C 172 -7.60 17.54 2.78
CA ILE C 172 -8.37 18.69 3.24
C ILE C 172 -9.84 18.34 3.51
N ILE C 173 -10.52 17.73 2.53
CA ILE C 173 -11.90 17.32 2.74
C ILE C 173 -11.96 15.81 2.50
N GLY C 174 -10.86 15.12 2.81
CA GLY C 174 -10.84 13.67 2.73
C GLY C 174 -10.68 13.10 1.32
N LYS C 209 -32.17 5.42 9.86
CA LYS C 209 -31.21 6.08 10.74
C LYS C 209 -29.90 6.34 10.01
N ILE C 210 -29.77 5.79 8.81
CA ILE C 210 -28.60 6.05 7.98
C ILE C 210 -28.65 7.47 7.44
N LYS C 211 -29.85 7.96 7.11
CA LYS C 211 -30.01 9.30 6.56
C LYS C 211 -29.71 10.41 7.58
N GLY C 212 -29.75 10.10 8.87
CA GLY C 212 -29.38 11.09 9.87
C GLY C 212 -27.89 11.16 10.10
N LYS C 213 -27.15 10.10 9.74
CA LYS C 213 -25.71 10.12 9.86
C LYS C 213 -25.05 10.59 8.57
N GLN C 214 -25.70 10.35 7.43
CA GLN C 214 -25.20 10.89 6.16
C GLN C 214 -25.28 12.41 6.12
N GLU C 215 -26.21 13.00 6.87
CA GLU C 215 -26.22 14.46 6.99
C GLU C 215 -25.20 14.94 8.01
N LEU C 216 -24.79 14.08 8.94
CA LEU C 216 -23.74 14.47 9.89
C LEU C 216 -22.38 14.48 9.21
N GLN C 217 -22.20 13.70 8.15
CA GLN C 217 -20.93 13.70 7.43
C GLN C 217 -20.88 14.77 6.35
N GLN C 218 -22.02 15.08 5.73
CA GLN C 218 -22.02 16.07 4.68
C GLN C 218 -21.99 17.50 5.23
N VAL C 219 -22.56 17.72 6.42
CA VAL C 219 -22.40 19.00 7.08
C VAL C 219 -20.96 19.19 7.54
N LYS C 220 -20.30 18.09 7.92
CA LYS C 220 -18.88 18.13 8.26
C LYS C 220 -18.02 18.47 7.04
N TYR C 221 -18.33 17.87 5.89
CA TYR C 221 -17.54 18.11 4.69
C TYR C 221 -17.94 19.38 3.96
N ASN C 222 -19.09 19.96 4.27
CA ASN C 222 -19.39 21.31 3.80
C ASN C 222 -18.77 22.37 4.70
N LEU C 223 -18.20 21.98 5.84
CA LEU C 223 -17.43 22.89 6.67
C LEU C 223 -15.93 22.75 6.44
N GLN C 224 -15.46 21.58 6.04
CA GLN C 224 -14.07 21.43 5.65
C GLN C 224 -13.80 22.14 4.33
N PHE C 225 -14.78 22.19 3.44
CA PHE C 225 -14.63 22.91 2.18
C PHE C 225 -14.74 24.41 2.40
N ASP C 226 -15.76 24.85 3.13
CA ASP C 226 -16.02 26.27 3.31
C ASP C 226 -15.10 26.93 4.33
N ASN C 227 -14.22 26.17 4.97
CA ASN C 227 -13.09 26.76 5.67
C ASN C 227 -11.83 26.73 4.80
N ARG C 228 -11.79 25.82 3.83
CA ARG C 228 -10.69 25.79 2.88
C ARG C 228 -10.88 26.85 1.80
N LEU C 229 -12.09 26.94 1.25
CA LEU C 229 -12.38 27.94 0.22
C LEU C 229 -12.39 29.34 0.79
N GLN C 230 -12.72 29.49 2.08
CA GLN C 230 -12.64 30.81 2.70
C GLN C 230 -11.20 31.29 2.83
N SER C 231 -10.26 30.36 3.05
CA SER C 231 -8.87 30.75 3.23
C SER C 231 -8.16 30.97 1.90
N CYS C 232 -8.39 30.10 0.92
CA CYS C 232 -7.71 30.20 -0.36
C CYS C 232 -8.15 31.42 -1.16
N VAL C 233 -9.43 31.79 -1.05
CA VAL C 233 -9.89 33.00 -1.71
C VAL C 233 -9.43 34.24 -0.94
N SER C 234 -9.30 34.16 0.39
CA SER C 234 -8.79 35.29 1.14
C SER C 234 -7.30 35.49 0.93
N ASN C 235 -6.55 34.40 0.78
CA ASN C 235 -5.11 34.50 0.51
C ASN C 235 -4.87 35.05 -0.89
N TRP C 236 -5.71 34.67 -1.85
CA TRP C 236 -5.53 35.17 -3.21
C TRP C 236 -5.96 36.63 -3.34
N LEU C 237 -7.03 37.02 -2.64
CA LEU C 237 -7.52 38.39 -2.80
C LEU C 237 -6.68 39.40 -2.05
N ALA C 238 -6.02 38.99 -0.96
CA ALA C 238 -5.14 39.89 -0.25
C ALA C 238 -3.82 40.09 -0.97
N ALA C 239 -3.44 39.18 -1.86
CA ALA C 239 -2.24 39.32 -2.67
C ALA C 239 -2.52 39.94 -4.03
N ARG C 240 -3.76 39.80 -4.53
CA ARG C 240 -4.17 40.46 -5.76
C ARG C 240 -4.23 41.98 -5.61
N LYS C 241 -4.41 42.48 -4.39
CA LYS C 241 -4.46 43.92 -4.15
C LYS C 241 -3.11 44.59 -4.35
N LYS C 242 -2.01 43.83 -4.35
CA LYS C 242 -0.70 44.44 -4.50
C LYS C 242 -0.45 44.91 -5.93
N LEU C 243 -0.88 44.12 -6.92
CA LEU C 243 -0.63 44.43 -8.32
C LEU C 243 -1.34 45.69 -8.80
N ASP C 244 -2.67 45.62 -8.92
CA ASP C 244 -3.52 46.73 -9.37
C ASP C 244 -4.98 46.38 -9.15
N ASP C 245 -5.74 47.23 -8.48
CA ASP C 245 -7.19 47.01 -8.38
C ASP C 245 -7.95 47.79 -9.45
N SER C 246 -7.48 47.73 -10.70
CA SER C 246 -8.22 48.32 -11.82
C SER C 246 -8.17 47.51 -13.10
N VAL C 247 -7.30 46.52 -13.20
CA VAL C 247 -6.91 45.91 -14.47
C VAL C 247 -7.02 44.40 -14.34
N ILE C 248 -7.69 43.77 -15.30
CA ILE C 248 -7.78 42.32 -15.32
C ILE C 248 -6.48 41.75 -15.85
N LEU C 249 -6.11 40.58 -15.36
CA LEU C 249 -4.84 39.96 -15.72
C LEU C 249 -5.06 38.49 -16.06
N SER C 250 -3.98 37.74 -16.21
CA SER C 250 -4.11 36.33 -16.55
C SER C 250 -4.49 35.48 -15.35
N SER C 251 -4.01 35.86 -14.16
CA SER C 251 -4.41 35.17 -12.94
C SER C 251 -5.84 35.49 -12.54
N ASP C 252 -6.38 36.61 -13.03
CA ASP C 252 -7.78 36.93 -12.81
C ASP C 252 -8.70 35.98 -13.57
N LEU C 253 -8.32 35.63 -14.80
CA LEU C 253 -9.18 34.80 -15.64
C LEU C 253 -9.20 33.34 -15.21
N LEU C 254 -8.22 32.90 -14.42
CA LEU C 254 -8.28 31.55 -13.86
C LEU C 254 -9.03 31.51 -12.55
N PHE C 255 -8.98 32.58 -11.77
CA PHE C 255 -9.79 32.65 -10.56
C PHE C 255 -11.25 32.88 -10.91
N LEU C 256 -11.52 33.68 -11.94
CA LEU C 256 -12.89 33.92 -12.35
C LEU C 256 -13.50 32.69 -13.02
N ALA C 257 -12.70 31.92 -13.76
CA ALA C 257 -13.23 30.70 -14.35
C ALA C 257 -13.38 29.58 -13.31
N ASN C 258 -12.74 29.72 -12.16
CA ASN C 258 -13.03 28.81 -11.05
C ASN C 258 -14.29 29.22 -10.32
N LEU C 259 -14.54 30.52 -10.22
CA LEU C 259 -15.79 31.02 -9.67
C LEU C 259 -16.96 30.82 -10.63
N TYR C 260 -16.69 30.69 -11.93
CA TYR C 260 -17.76 30.48 -12.89
C TYR C 260 -18.27 29.04 -12.86
N VAL C 261 -17.37 28.09 -12.59
CA VAL C 261 -17.77 26.70 -12.54
C VAL C 261 -18.38 26.35 -11.19
N GLN C 262 -17.79 26.86 -10.11
CA GLN C 262 -18.25 26.50 -8.77
C GLN C 262 -19.62 27.11 -8.46
N LEU C 263 -19.85 28.34 -8.89
CA LEU C 263 -21.17 28.95 -8.73
C LEU C 263 -22.15 28.53 -9.82
N GLY C 264 -21.69 27.79 -10.84
CA GLY C 264 -22.55 27.42 -11.94
C GLY C 264 -22.91 25.94 -11.97
N LEU C 265 -22.61 25.25 -10.89
CA LEU C 265 -22.96 23.85 -10.71
C LEU C 265 -24.26 23.73 -9.94
N PRO C 266 -24.92 22.55 -9.94
CA PRO C 266 -26.12 22.36 -9.12
C PRO C 266 -25.98 22.65 -7.63
N ASP C 267 -24.80 22.46 -7.04
CA ASP C 267 -24.57 22.82 -5.65
C ASP C 267 -23.96 24.23 -5.53
N GLY C 268 -24.15 25.07 -6.54
CA GLY C 268 -23.55 26.39 -6.54
C GLY C 268 -24.27 27.46 -5.78
N ASN C 269 -25.46 27.16 -5.23
CA ASN C 269 -26.26 28.19 -4.58
C ASN C 269 -25.92 28.35 -3.10
N ARG C 270 -25.39 27.32 -2.45
CA ARG C 270 -24.93 27.48 -1.08
C ARG C 270 -23.48 27.88 -0.99
N ILE C 271 -22.70 27.67 -2.05
CA ILE C 271 -21.34 28.18 -2.09
C ILE C 271 -21.36 29.69 -2.34
N ARG C 272 -22.27 30.15 -3.20
CA ARG C 272 -22.50 31.58 -3.35
C ARG C 272 -23.08 32.19 -2.08
N SER C 273 -23.83 31.41 -1.31
CA SER C 273 -24.36 31.91 -0.05
C SER C 273 -23.29 32.00 1.02
N LYS C 274 -22.29 31.12 0.99
CA LYS C 274 -21.26 31.14 2.01
C LYS C 274 -20.13 32.12 1.66
N LEU C 275 -19.87 32.34 0.38
CA LEU C 275 -18.90 33.37 -0.01
C LEU C 275 -19.44 34.76 0.26
N GLU C 276 -20.76 34.96 0.17
CA GLU C 276 -21.36 36.23 0.54
C GLU C 276 -21.34 36.46 2.05
N GLN C 277 -21.24 35.39 2.84
CA GLN C 277 -21.24 35.54 4.29
C GLN C 277 -19.94 36.16 4.80
N THR C 278 -18.83 35.89 4.13
CA THR C 278 -17.53 36.39 4.55
C THR C 278 -16.99 37.51 3.67
N PHE C 279 -17.28 37.51 2.38
CA PHE C 279 -16.77 38.52 1.46
C PHE C 279 -17.82 39.54 1.06
N GLY C 280 -19.01 39.48 1.64
CA GLY C 280 -20.06 40.43 1.32
C GLY C 280 -20.73 40.13 -0.01
N SER C 281 -21.70 40.96 -0.33
CA SER C 281 -22.44 40.83 -1.58
C SER C 281 -21.90 41.70 -2.70
N GLU C 282 -21.16 42.76 -2.38
CA GLU C 282 -20.64 43.65 -3.42
C GLU C 282 -19.54 42.99 -4.23
N LEU C 283 -18.69 42.19 -3.59
CA LEU C 283 -17.58 41.58 -4.31
C LEU C 283 -18.03 40.37 -5.13
N LEU C 284 -19.02 39.63 -4.63
CA LEU C 284 -19.48 38.45 -5.36
C LEU C 284 -20.29 38.83 -6.59
N ASN C 285 -20.98 39.97 -6.56
CA ASN C 285 -21.63 40.47 -7.76
C ASN C 285 -20.66 41.13 -8.71
N SER C 286 -19.63 41.80 -8.18
CA SER C 286 -18.62 42.40 -9.05
C SER C 286 -17.76 41.34 -9.73
N MET C 287 -17.51 40.22 -9.06
CA MET C 287 -16.80 39.12 -9.68
C MET C 287 -17.71 38.22 -10.51
N SER C 288 -19.03 38.43 -10.47
CA SER C 288 -19.94 37.75 -11.37
C SER C 288 -20.39 38.62 -12.52
N ASN C 289 -20.29 39.95 -12.40
CA ASN C 289 -20.47 40.81 -13.55
C ASN C 289 -19.31 40.68 -14.53
N LYS C 290 -18.11 40.42 -14.01
CA LYS C 290 -16.97 40.16 -14.89
C LYS C 290 -17.07 38.78 -15.53
N ILE C 291 -17.66 37.81 -14.83
CA ILE C 291 -17.90 36.49 -15.40
C ILE C 291 -18.94 36.59 -16.51
N ASP C 292 -20.01 37.35 -16.26
CA ASP C 292 -21.07 37.53 -17.26
C ASP C 292 -20.59 38.29 -18.49
N ASP C 293 -19.54 39.11 -18.33
CA ASP C 293 -18.97 39.80 -19.48
C ASP C 293 -18.22 38.82 -20.39
N PHE C 294 -17.46 37.89 -19.80
CA PHE C 294 -16.55 37.08 -20.59
C PHE C 294 -17.24 35.90 -21.27
N VAL C 295 -18.46 35.54 -20.85
CA VAL C 295 -19.20 34.48 -21.52
C VAL C 295 -20.11 35.10 -22.56
N HIS C 296 -20.51 36.36 -22.35
CA HIS C 296 -21.25 37.11 -23.36
C HIS C 296 -20.29 38.03 -24.11
N ARG C 297 -19.34 37.38 -24.79
CA ARG C 297 -18.28 38.06 -25.52
C ARG C 297 -18.25 37.45 -26.91
N PRO C 298 -18.20 38.28 -27.96
CA PRO C 298 -18.17 37.73 -29.32
C PRO C 298 -16.85 37.03 -29.63
N SER C 299 -16.94 35.97 -30.44
CA SER C 299 -15.81 35.10 -30.74
C SER C 299 -15.19 35.43 -32.10
N ASN C 300 -15.12 36.71 -32.46
CA ASN C 300 -14.56 37.10 -33.75
C ASN C 300 -13.04 36.98 -33.76
N ASN C 301 -12.39 37.24 -32.63
CA ASN C 301 -10.94 37.05 -32.54
C ASN C 301 -10.59 35.56 -32.58
N LEU C 302 -11.48 34.72 -32.06
CA LEU C 302 -11.30 33.28 -32.01
C LEU C 302 -11.47 32.71 -33.41
N GLU C 303 -10.36 32.39 -34.06
CA GLU C 303 -10.41 31.64 -35.31
C GLU C 303 -10.13 30.18 -34.98
N GLN C 304 -11.09 29.31 -35.29
CA GLN C 304 -11.03 27.92 -34.91
C GLN C 304 -10.90 27.05 -36.14
N ARG C 305 -10.88 25.74 -35.91
CA ARG C 305 -10.82 24.77 -36.99
C ARG C 305 -11.38 23.45 -36.48
N ASP C 306 -11.81 22.61 -37.40
CA ASP C 306 -12.18 21.28 -36.99
C ASP C 306 -10.93 20.45 -36.74
N PRO C 307 -10.95 19.59 -35.72
CA PRO C 307 -9.82 18.68 -35.51
C PRO C 307 -9.73 17.65 -36.63
N GLN C 308 -8.56 17.54 -37.23
CA GLN C 308 -8.34 16.67 -38.38
C GLN C 308 -8.23 15.21 -37.95
N PHE C 309 -7.94 14.33 -38.91
CA PHE C 309 -7.84 12.91 -38.61
C PHE C 309 -6.42 12.50 -38.21
N ARG C 310 -5.83 13.28 -37.32
CA ARG C 310 -4.79 12.85 -36.41
C ARG C 310 -5.15 13.23 -34.98
N GLU C 311 -6.22 14.00 -34.82
CA GLU C 311 -6.89 14.45 -33.62
C GLU C 311 -8.18 13.65 -33.43
N GLN C 312 -9.06 14.16 -32.56
CA GLN C 312 -10.45 13.80 -32.23
C GLN C 312 -10.57 12.57 -31.35
N GLY C 313 -9.53 11.77 -31.16
CA GLY C 313 -9.61 10.55 -30.38
C GLY C 313 -10.65 9.56 -30.89
N ASN C 314 -10.47 9.09 -32.13
CA ASN C 314 -11.40 8.12 -32.71
C ASN C 314 -11.16 6.74 -32.12
N VAL C 315 -11.89 5.75 -32.63
CA VAL C 315 -11.53 4.37 -32.37
C VAL C 315 -10.21 4.04 -33.08
N VAL C 316 -10.03 4.57 -34.29
CA VAL C 316 -8.80 4.35 -35.03
C VAL C 316 -7.68 5.23 -34.47
N MET C 317 -7.97 6.49 -34.17
CA MET C 317 -6.95 7.44 -33.75
C MET C 317 -6.75 7.45 -32.22
N SER C 318 -7.23 6.42 -31.54
CA SER C 318 -6.75 6.11 -30.20
C SER C 318 -6.20 4.71 -30.06
N LEU C 319 -6.54 3.80 -30.97
CA LEU C 319 -5.82 2.53 -31.06
C LEU C 319 -4.47 2.71 -31.74
N TYR C 320 -4.31 3.77 -32.53
CA TYR C 320 -3.00 4.07 -33.08
C TYR C 320 -2.11 4.75 -32.05
N ASN C 321 -2.66 5.68 -31.27
CA ASN C 321 -1.90 6.31 -30.19
C ASN C 321 -1.67 5.37 -29.03
N LEU C 322 -2.39 4.24 -28.98
CA LEU C 322 -2.04 3.17 -28.04
C LEU C 322 -0.89 2.32 -28.57
N ALA C 323 -0.78 2.19 -29.89
CA ALA C 323 0.26 1.36 -30.47
C ALA C 323 1.61 2.07 -30.46
N CYS C 324 1.63 3.37 -30.78
CA CYS C 324 2.88 4.13 -30.73
C CYS C 324 3.34 4.34 -29.30
N LYS C 325 2.42 4.36 -28.34
CA LYS C 325 2.80 4.51 -26.93
C LYS C 325 3.53 3.28 -26.41
N TYR C 326 3.28 2.10 -26.99
CA TYR C 326 3.92 0.86 -26.56
C TYR C 326 5.01 0.40 -27.51
N ILE C 327 4.80 0.48 -28.82
CA ILE C 327 5.82 0.08 -29.78
C ILE C 327 6.75 1.24 -30.07
N THR D 1 -13.09 -42.75 12.35
CA THR D 1 -13.90 -42.66 13.55
C THR D 1 -13.49 -41.44 14.37
N PHE D 2 -12.25 -40.98 14.19
CA PHE D 2 -11.86 -39.68 14.70
C PHE D 2 -11.44 -38.71 13.60
N THR D 3 -10.46 -39.08 12.78
CA THR D 3 -10.12 -38.44 11.50
C THR D 3 -9.88 -36.94 11.62
N ALA D 4 -8.83 -36.58 12.37
CA ALA D 4 -8.39 -35.19 12.38
C ALA D 4 -7.80 -34.82 11.02
N LYS D 5 -8.40 -33.82 10.39
CA LYS D 5 -7.94 -33.36 9.08
C LYS D 5 -7.71 -31.85 9.10
N THR D 6 -6.96 -31.36 8.13
CA THR D 6 -6.66 -29.93 8.04
C THR D 6 -6.60 -29.46 6.58
N GLY D 7 -6.68 -28.15 6.40
CA GLY D 7 -6.62 -27.56 5.07
C GLY D 7 -6.05 -26.16 5.08
N THR D 8 -6.37 -25.39 4.05
CA THR D 8 -5.89 -24.02 3.93
C THR D 8 -6.76 -23.23 2.97
N ASN D 9 -7.34 -23.94 2.01
CA ASN D 9 -8.23 -23.40 0.96
C ASN D 9 -7.96 -21.97 0.48
N PHE D 10 -6.95 -21.82 -0.37
CA PHE D 10 -6.60 -20.52 -0.94
C PHE D 10 -7.83 -19.92 -1.63
N GLY D 11 -8.03 -18.61 -1.45
CA GLY D 11 -9.14 -17.92 -2.07
C GLY D 11 -8.78 -16.80 -3.04
N ASN D 12 -9.56 -15.72 -3.01
CA ASN D 12 -9.34 -14.55 -3.87
C ASN D 12 -9.29 -13.27 -3.03
N ASP D 13 -8.16 -12.55 -3.18
CA ASP D 13 -7.64 -11.30 -2.52
C ASP D 13 -6.52 -11.67 -1.54
N ASN D 14 -5.95 -12.86 -1.77
CA ASN D 14 -4.85 -13.41 -0.97
C ASN D 14 -5.14 -13.58 0.52
N ASP D 15 -5.81 -14.68 0.85
CA ASP D 15 -6.15 -14.99 2.24
C ASP D 15 -5.43 -16.26 2.68
N ALA D 16 -6.16 -17.16 3.35
CA ALA D 16 -5.58 -18.41 3.82
C ALA D 16 -6.66 -19.45 4.09
N GLU D 17 -7.68 -19.07 4.85
CA GLU D 17 -8.78 -19.95 5.21
C GLU D 17 -8.28 -21.29 5.76
N ALA D 18 -7.22 -21.23 6.54
CA ALA D 18 -6.61 -22.45 7.13
C ALA D 18 -7.50 -23.29 8.00
N TYR D 19 -7.99 -24.51 7.58
CA TYR D 19 -8.88 -25.03 8.61
C TYR D 19 -8.31 -26.33 9.19
N LEU D 20 -8.77 -26.66 10.39
CA LEU D 20 -8.39 -27.90 11.07
C LEU D 20 -9.63 -28.48 11.74
N GLN D 21 -10.01 -29.67 11.34
CA GLN D 21 -11.31 -30.23 11.70
C GLN D 21 -11.11 -31.56 12.41
N PHE D 22 -11.85 -31.75 13.51
CA PHE D 22 -11.97 -33.02 14.19
C PHE D 22 -13.34 -33.61 13.91
N GLU D 23 -13.54 -34.86 14.29
CA GLU D 23 -14.75 -35.58 13.90
C GLU D 23 -14.92 -36.75 14.88
N LYS D 24 -16.16 -37.23 15.01
CA LYS D 24 -16.42 -38.44 15.78
C LYS D 24 -17.70 -39.08 15.25
N LEU D 25 -17.57 -40.21 14.58
CA LEU D 25 -18.72 -41.02 14.20
C LEU D 25 -19.23 -41.74 15.45
N ILE D 26 -20.44 -41.42 15.87
CA ILE D 26 -20.95 -41.83 17.18
C ILE D 26 -21.65 -43.19 17.06
N ASP D 27 -21.43 -44.05 18.06
CA ASP D 27 -22.10 -45.35 18.18
C ASP D 27 -23.61 -45.18 18.37
N LYS D 28 -24.32 -46.31 18.33
CA LYS D 28 -25.78 -46.29 18.32
C LYS D 28 -26.36 -46.52 19.72
N LYS D 29 -25.66 -46.12 20.78
CA LYS D 29 -26.26 -46.14 22.11
C LYS D 29 -26.21 -44.81 22.84
N TYR D 30 -25.98 -43.70 22.13
CA TYR D 30 -26.56 -42.40 22.48
C TYR D 30 -27.70 -42.04 21.55
N LEU D 31 -27.61 -42.41 20.29
CA LEU D 31 -28.63 -42.08 19.32
C LEU D 31 -28.99 -43.38 18.60
N LYS D 32 -29.77 -43.27 17.54
CA LYS D 32 -30.05 -44.46 16.74
C LYS D 32 -29.86 -44.24 15.25
N LEU D 33 -29.92 -43.02 14.76
CA LEU D 33 -29.61 -42.40 13.48
C LEU D 33 -28.13 -42.09 13.39
N PRO D 34 -27.53 -42.19 12.19
CA PRO D 34 -26.07 -41.97 12.09
C PRO D 34 -25.65 -40.53 12.29
N THR D 35 -25.00 -40.26 13.41
CA THR D 35 -24.62 -38.91 13.82
C THR D 35 -23.12 -38.71 13.61
N ARG D 36 -22.74 -37.50 13.24
CA ARG D 36 -21.35 -37.21 12.86
C ARG D 36 -21.03 -35.78 13.30
N VAL D 37 -20.44 -35.63 14.47
CA VAL D 37 -20.10 -34.31 15.00
C VAL D 37 -18.80 -33.83 14.38
N ASN D 38 -18.51 -32.55 14.53
CA ASN D 38 -17.31 -31.94 13.99
C ASN D 38 -16.88 -30.80 14.89
N LEU D 39 -15.67 -30.29 14.66
CA LEU D 39 -15.19 -29.09 15.32
C LEU D 39 -14.12 -28.47 14.44
N GLU D 40 -14.41 -27.32 13.84
CA GLU D 40 -13.53 -26.71 12.86
C GLU D 40 -12.88 -25.49 13.50
N ILE D 41 -11.55 -25.45 13.47
CA ILE D 41 -10.79 -24.26 13.81
C ILE D 41 -10.20 -23.74 12.51
N LEU D 42 -10.54 -22.50 12.16
CA LEU D 42 -10.15 -21.92 10.88
C LEU D 42 -9.14 -20.81 11.12
N ARG D 43 -8.00 -20.66 10.57
CA ARG D 43 -7.33 -19.29 10.62
C ARG D 43 -7.10 -18.88 9.21
N GLY D 44 -6.93 -17.68 8.81
CA GLY D 44 -6.73 -17.03 7.55
C GLY D 44 -6.25 -15.60 7.77
N THR D 45 -5.94 -14.93 6.66
CA THR D 45 -5.57 -13.53 6.73
C THR D 45 -6.75 -12.66 7.14
N LYS D 46 -7.96 -13.07 6.75
CA LYS D 46 -9.16 -12.32 7.11
C LYS D 46 -9.70 -12.76 8.47
N ILE D 47 -9.63 -14.06 8.76
CA ILE D 47 -10.18 -14.61 9.99
C ILE D 47 -9.27 -14.27 11.16
N HIS D 48 -9.85 -13.68 12.21
CA HIS D 48 -9.15 -13.58 13.48
C HIS D 48 -9.27 -14.86 14.30
N SER D 49 -10.49 -15.36 14.46
CA SER D 49 -10.73 -16.65 15.09
C SER D 49 -12.04 -17.20 14.57
N SER D 50 -12.13 -18.53 14.51
CA SER D 50 -13.28 -19.18 13.90
C SER D 50 -13.41 -20.58 14.48
N PHE D 51 -14.35 -20.76 15.39
CA PHE D 51 -14.70 -22.07 15.91
C PHE D 51 -16.08 -22.43 15.37
N LEU D 52 -16.22 -23.66 14.91
CA LEU D 52 -17.42 -24.06 14.16
C LEU D 52 -17.75 -25.51 14.53
N PHE D 53 -18.67 -25.67 15.47
CA PHE D 53 -19.18 -26.99 15.83
C PHE D 53 -20.25 -27.40 14.83
N ASN D 54 -20.23 -28.67 14.41
CA ASN D 54 -21.23 -29.20 13.51
C ASN D 54 -21.80 -30.49 14.09
N SER D 55 -23.02 -30.83 13.66
CA SER D 55 -23.65 -32.07 14.09
C SER D 55 -24.55 -32.54 12.95
N TYR D 56 -24.00 -33.38 12.08
CA TYR D 56 -24.76 -33.97 11.00
C TYR D 56 -25.42 -35.25 11.51
N SER D 57 -26.65 -35.49 11.06
CA SER D 57 -27.42 -36.63 11.58
C SER D 57 -28.43 -37.05 10.52
N SER D 58 -28.17 -38.19 9.89
CA SER D 58 -29.03 -38.70 8.82
C SER D 58 -30.35 -39.20 9.41
N LEU D 59 -31.43 -38.46 9.16
CA LEU D 59 -32.73 -38.87 9.67
C LEU D 59 -33.36 -39.97 8.82
N SER D 60 -33.13 -39.93 7.52
CA SER D 60 -33.80 -40.80 6.57
C SER D 60 -32.74 -41.22 5.56
N PRO D 61 -33.08 -42.09 4.60
CA PRO D 61 -32.20 -42.22 3.42
C PRO D 61 -31.99 -40.91 2.66
N GLN D 62 -32.97 -40.00 2.65
CA GLN D 62 -32.76 -38.65 2.12
C GLN D 62 -33.25 -37.57 3.11
N SER D 63 -32.42 -37.30 4.12
CA SER D 63 -32.61 -36.24 5.10
C SER D 63 -31.35 -36.10 5.94
N ILE D 64 -30.88 -34.87 6.17
CA ILE D 64 -29.72 -34.62 7.01
C ILE D 64 -30.01 -33.37 7.85
N LEU D 65 -30.19 -33.54 9.15
CA LEU D 65 -30.14 -32.38 10.04
C LEU D 65 -28.71 -31.94 10.26
N ASN D 66 -28.54 -30.65 10.54
CA ASN D 66 -27.21 -30.07 10.71
C ASN D 66 -27.36 -28.94 11.72
N LEU D 67 -27.08 -29.24 12.98
CA LEU D 67 -26.98 -28.20 14.01
C LEU D 67 -25.57 -27.63 13.95
N LYS D 68 -25.43 -26.41 13.46
CA LYS D 68 -24.14 -25.75 13.31
C LYS D 68 -24.06 -24.63 14.33
N VAL D 69 -23.26 -24.82 15.37
CA VAL D 69 -22.97 -23.78 16.35
C VAL D 69 -21.63 -23.17 15.97
N PHE D 70 -21.62 -21.86 15.78
CA PHE D 70 -20.43 -21.16 15.29
C PHE D 70 -20.14 -19.96 16.16
N SER D 71 -18.88 -19.53 16.10
CA SER D 71 -18.44 -18.29 16.75
C SER D 71 -17.21 -17.84 15.96
N GLN D 72 -17.40 -16.87 15.07
CA GLN D 72 -16.34 -16.54 14.13
C GLN D 72 -16.08 -15.04 14.10
N PHE D 73 -14.80 -14.70 14.06
CA PHE D 73 -14.33 -13.34 13.86
C PHE D 73 -13.57 -13.31 12.55
N TYR D 74 -13.89 -12.36 11.70
CA TYR D 74 -13.28 -12.27 10.38
C TYR D 74 -13.35 -10.84 9.91
N ASN D 75 -12.40 -10.46 9.07
CA ASN D 75 -12.37 -9.11 8.52
C ASN D 75 -13.11 -9.06 7.19
N TRP D 76 -13.50 -7.86 6.79
CA TRP D 76 -14.44 -7.69 5.69
C TRP D 76 -14.14 -6.39 4.95
N ASN D 77 -14.42 -6.41 3.64
CA ASN D 77 -14.38 -5.25 2.74
C ASN D 77 -12.98 -4.63 2.69
N THR D 78 -12.05 -5.39 2.10
CA THR D 78 -10.62 -5.14 2.24
C THR D 78 -10.07 -3.86 1.60
N ASN D 79 -9.96 -2.80 2.40
CA ASN D 79 -8.83 -1.88 2.29
C ASN D 79 -8.11 -1.88 3.64
N LYS D 80 -8.83 -1.53 4.71
CA LYS D 80 -8.64 -2.08 6.06
C LYS D 80 -9.92 -2.70 6.56
N GLY D 81 -11.02 -1.97 6.49
CA GLY D 81 -12.35 -2.56 6.42
C GLY D 81 -13.02 -2.70 7.78
N LEU D 82 -13.82 -3.76 7.92
CA LEU D 82 -14.62 -4.03 9.11
C LEU D 82 -14.26 -5.43 9.56
N ASP D 83 -14.14 -5.65 10.86
CA ASP D 83 -14.05 -7.02 11.36
C ASP D 83 -15.35 -7.39 12.07
N ILE D 84 -15.89 -8.55 11.71
CA ILE D 84 -17.24 -8.96 12.07
C ILE D 84 -17.15 -10.03 13.15
N GLY D 85 -17.71 -9.75 14.32
CA GLY D 85 -17.99 -10.78 15.27
C GLY D 85 -19.30 -11.43 14.90
N GLN D 86 -19.34 -12.76 15.00
CA GLN D 86 -20.49 -13.51 14.49
C GLN D 86 -20.56 -14.84 15.23
N ARG D 87 -21.52 -14.95 16.15
CA ARG D 87 -21.72 -16.16 16.93
C ARG D 87 -23.21 -16.48 16.96
N GLY D 88 -23.52 -17.77 17.08
CA GLY D 88 -24.91 -18.17 17.08
C GLY D 88 -25.03 -19.65 16.77
N ALA D 89 -26.21 -20.04 16.29
CA ALA D 89 -26.51 -21.41 15.93
C ALA D 89 -27.22 -21.44 14.59
N ARG D 90 -27.33 -22.62 14.01
CA ARG D 90 -27.99 -22.78 12.72
C ARG D 90 -28.47 -24.22 12.60
N LEU D 91 -29.78 -24.41 12.54
CA LEU D 91 -30.38 -25.73 12.39
C LEU D 91 -30.88 -25.89 10.97
N SER D 92 -30.19 -26.70 10.18
CA SER D 92 -30.47 -26.85 8.76
C SER D 92 -30.97 -28.26 8.49
N LEU D 93 -32.03 -28.36 7.70
CA LEU D 93 -32.54 -29.66 7.24
C LEU D 93 -32.39 -29.73 5.73
N ARG D 94 -31.63 -30.71 5.26
CA ARG D 94 -31.32 -30.86 3.85
C ARG D 94 -32.01 -32.11 3.31
N TYR D 95 -32.77 -31.96 2.24
CA TYR D 95 -33.61 -33.02 1.70
C TYR D 95 -33.07 -33.47 0.36
N GLU D 96 -32.59 -34.72 0.32
CA GLU D 96 -31.98 -35.40 -0.85
C GLU D 96 -30.97 -34.58 -1.64
N SER D 112 -26.93 -38.48 -13.65
CA SER D 112 -27.73 -38.29 -12.44
C SER D 112 -27.81 -36.81 -12.05
N PRO D 113 -29.00 -36.22 -12.16
CA PRO D 113 -29.16 -34.81 -11.78
C PRO D 113 -29.15 -34.64 -10.26
N THR D 114 -28.27 -33.76 -9.78
CA THR D 114 -28.26 -33.42 -8.37
C THR D 114 -29.44 -32.52 -8.03
N LEU D 115 -30.20 -32.90 -7.02
CA LEU D 115 -31.36 -32.13 -6.58
C LEU D 115 -31.38 -32.15 -5.07
N PHE D 116 -31.44 -30.98 -4.44
CA PHE D 116 -31.72 -30.92 -3.02
C PHE D 116 -32.36 -29.59 -2.65
N HIS D 117 -33.34 -29.66 -1.76
CA HIS D 117 -33.79 -28.51 -0.99
C HIS D 117 -33.02 -28.48 0.32
N GLU D 118 -32.96 -27.30 0.94
CA GLU D 118 -32.24 -27.17 2.21
C GLU D 118 -32.82 -25.98 2.97
N TRP D 119 -33.71 -26.27 3.92
CA TRP D 119 -34.27 -25.23 4.79
C TRP D 119 -33.44 -25.13 6.05
N PHE D 120 -33.10 -23.91 6.44
CA PHE D 120 -32.37 -23.71 7.69
C PHE D 120 -33.11 -22.72 8.58
N LEU D 121 -32.51 -22.45 9.73
CA LEU D 121 -33.03 -21.49 10.71
C LEU D 121 -31.85 -21.10 11.59
N GLU D 122 -31.48 -19.82 11.56
CA GLU D 122 -30.21 -19.39 12.12
C GLU D 122 -30.40 -18.19 13.02
N THR D 123 -30.05 -18.35 14.29
CA THR D 123 -29.92 -17.23 15.21
C THR D 123 -28.46 -16.79 15.20
N CYS D 124 -28.24 -15.48 15.26
CA CYS D 124 -26.88 -14.94 15.14
C CYS D 124 -26.82 -13.57 15.79
N TRP D 125 -26.02 -13.46 16.85
CA TRP D 125 -25.62 -12.16 17.38
C TRP D 125 -24.37 -11.73 16.63
N ARG D 126 -24.46 -10.58 15.97
CA ARG D 126 -23.41 -10.10 15.08
C ARG D 126 -22.89 -8.74 15.54
N SER D 127 -21.58 -8.64 15.72
CA SER D 127 -20.91 -7.40 16.04
C SER D 127 -20.26 -6.82 14.78
N THR D 128 -19.99 -5.52 14.81
CA THR D 128 -19.39 -4.85 13.65
C THR D 128 -18.48 -3.70 14.09
N LYS D 129 -17.18 -3.99 14.19
CA LYS D 129 -16.18 -2.94 14.35
C LYS D 129 -15.85 -2.28 13.02
N ILE D 130 -15.59 -0.98 13.07
CA ILE D 130 -14.91 -0.27 11.99
C ILE D 130 -13.44 -0.19 12.40
N CYS D 131 -12.63 -1.14 11.93
CA CYS D 131 -11.22 -1.21 12.30
C CYS D 131 -10.33 -0.50 11.30
N SER D 132 -10.84 0.50 10.60
CA SER D 132 -10.14 1.05 9.45
C SER D 132 -9.01 1.98 9.84
N GLN D 133 -8.88 2.33 11.13
CA GLN D 133 -7.73 3.03 11.69
C GLN D 133 -7.53 4.40 11.02
N GLY D 134 -8.37 5.33 11.44
CA GLY D 134 -8.67 6.60 10.79
C GLY D 134 -7.59 7.51 10.24
N THR D 135 -6.31 7.16 10.43
CA THR D 135 -5.23 7.81 9.69
C THR D 135 -5.43 7.72 8.18
N SER D 136 -5.88 6.56 7.69
CA SER D 136 -6.46 6.48 6.35
C SER D 136 -7.81 7.19 6.41
N ALA D 137 -7.89 8.38 5.77
CA ALA D 137 -8.90 9.35 6.19
C ALA D 137 -10.32 9.01 5.71
N PRO D 138 -10.63 8.92 4.41
CA PRO D 138 -12.05 8.86 4.03
C PRO D 138 -12.64 7.45 3.87
N TYR D 139 -11.93 6.41 4.27
CA TYR D 139 -12.34 5.03 3.97
C TYR D 139 -13.00 4.43 5.21
N MET D 140 -14.15 3.77 5.00
CA MET D 140 -15.05 3.21 6.02
C MET D 140 -15.60 4.24 6.98
N TYR D 141 -15.52 5.53 6.66
CA TYR D 141 -15.98 6.57 7.57
C TYR D 141 -17.02 7.45 6.90
N SER D 142 -17.75 6.88 5.95
CA SER D 142 -18.92 7.50 5.39
C SER D 142 -20.08 7.44 6.39
N GLY D 143 -21.17 8.11 6.07
CA GLY D 143 -22.33 8.10 6.95
C GLY D 143 -23.02 6.75 7.01
N THR D 144 -22.87 5.94 5.96
CA THR D 144 -23.49 4.63 5.94
C THR D 144 -22.74 3.65 6.83
N MET D 145 -21.41 3.60 6.72
CA MET D 145 -20.63 2.63 7.47
C MET D 145 -20.56 2.97 8.95
N LEU D 146 -20.61 4.25 9.30
CA LEU D 146 -20.65 4.68 10.69
C LEU D 146 -21.93 4.26 11.39
N SER D 147 -23.02 4.05 10.66
CA SER D 147 -24.26 3.58 11.25
C SER D 147 -24.41 2.06 11.22
N GLN D 148 -23.58 1.36 10.46
CA GLN D 148 -23.57 -0.10 10.49
C GLN D 148 -22.82 -0.66 11.69
N ALA D 149 -22.01 0.16 12.35
CA ALA D 149 -21.24 -0.29 13.50
C ALA D 149 -22.16 -0.55 14.69
N GLY D 150 -21.93 -1.65 15.38
CA GLY D 150 -22.73 -2.00 16.53
C GLY D 150 -23.13 -3.46 16.57
N ASP D 151 -23.92 -3.83 17.57
CA ASP D 151 -24.37 -5.20 17.74
C ASP D 151 -25.81 -5.35 17.26
N GLN D 152 -26.12 -6.53 16.77
CA GLN D 152 -27.49 -6.86 16.41
C GLN D 152 -27.71 -8.36 16.56
N LEU D 153 -28.94 -8.74 16.88
CA LEU D 153 -29.34 -10.13 16.99
C LEU D 153 -30.44 -10.40 15.98
N ARG D 154 -30.34 -11.51 15.26
CA ARG D 154 -31.24 -11.73 14.14
C ARG D 154 -31.50 -13.22 13.94
N THR D 155 -32.78 -13.59 13.95
CA THR D 155 -33.23 -14.87 13.42
C THR D 155 -33.45 -14.74 11.93
N ILE D 156 -33.06 -15.76 11.17
CA ILE D 156 -33.32 -15.76 9.74
C ILE D 156 -33.75 -17.16 9.32
N LEU D 157 -34.88 -17.23 8.63
CA LEU D 157 -35.34 -18.46 8.01
C LEU D 157 -34.83 -18.51 6.58
N GLY D 158 -34.63 -19.71 6.06
CA GLY D 158 -34.02 -19.83 4.76
C GLY D 158 -34.48 -21.05 4.01
N HIS D 159 -34.14 -21.05 2.73
CA HIS D 159 -34.44 -22.14 1.82
C HIS D 159 -33.46 -22.04 0.68
N THR D 160 -33.00 -23.17 0.17
CA THR D 160 -32.04 -23.20 -0.93
C THR D 160 -32.31 -24.43 -1.77
N PHE D 161 -32.60 -24.21 -3.05
CA PHE D 161 -32.91 -25.28 -3.98
C PHE D 161 -31.84 -25.29 -5.06
N VAL D 162 -31.24 -26.45 -5.31
CA VAL D 162 -30.19 -26.61 -6.30
C VAL D 162 -30.61 -27.73 -7.26
N LEU D 163 -30.55 -27.45 -8.56
CA LEU D 163 -30.93 -28.41 -9.58
C LEU D 163 -29.74 -28.59 -10.52
N ASP D 164 -28.58 -28.91 -9.96
CA ASP D 164 -27.36 -29.10 -10.73
C ASP D 164 -27.50 -30.30 -11.64
N LYS D 165 -27.66 -30.07 -12.94
CA LYS D 165 -27.80 -31.12 -13.93
C LYS D 165 -26.52 -31.36 -14.70
N ARG D 166 -25.43 -30.72 -14.30
CA ARG D 166 -24.17 -30.88 -14.99
C ARG D 166 -23.54 -32.23 -14.68
N ASP D 167 -22.70 -32.70 -15.59
CA ASP D 167 -22.02 -33.97 -15.40
C ASP D 167 -20.76 -33.82 -14.57
N HIS D 168 -20.29 -32.60 -14.35
CA HIS D 168 -19.13 -32.33 -13.51
C HIS D 168 -19.31 -30.98 -12.84
N ILE D 169 -19.16 -30.95 -11.52
CA ILE D 169 -18.96 -29.68 -10.83
C ILE D 169 -17.49 -29.34 -10.70
N MET D 170 -16.62 -30.13 -11.32
CA MET D 170 -15.18 -29.88 -11.37
C MET D 170 -14.73 -29.36 -12.72
N CYS D 171 -14.97 -30.11 -13.80
CA CYS D 171 -14.64 -29.69 -15.17
C CYS D 171 -15.86 -29.94 -16.03
N PRO D 172 -16.82 -29.01 -16.04
CA PRO D 172 -18.10 -29.26 -16.72
C PRO D 172 -17.96 -29.25 -18.23
N THR D 173 -18.80 -30.03 -18.88
CA THR D 173 -18.82 -30.09 -20.33
C THR D 173 -20.25 -30.03 -20.88
N LYS D 174 -21.23 -30.56 -20.15
CA LYS D 174 -22.63 -30.51 -20.53
C LYS D 174 -23.43 -29.99 -19.35
N GLY D 175 -24.75 -29.95 -19.52
CA GLY D 175 -25.66 -29.76 -18.42
C GLY D 175 -25.85 -28.29 -18.05
N SER D 176 -26.76 -28.08 -17.10
CA SER D 176 -27.12 -26.77 -16.59
C SER D 176 -27.06 -26.78 -15.06
N MET D 177 -27.46 -25.68 -14.46
CA MET D 177 -27.51 -25.55 -13.01
C MET D 177 -28.53 -24.48 -12.67
N LEU D 178 -29.14 -24.60 -11.50
CA LEU D 178 -30.15 -23.65 -11.04
C LEU D 178 -30.06 -23.59 -9.52
N LYS D 179 -29.59 -22.46 -9.00
CA LYS D 179 -29.44 -22.28 -7.56
C LYS D 179 -30.37 -21.15 -7.14
N TRP D 180 -31.37 -21.48 -6.34
CA TRP D 180 -32.44 -20.57 -5.98
C TRP D 180 -32.53 -20.55 -4.46
N SER D 181 -32.07 -19.45 -3.85
CA SER D 181 -31.91 -19.39 -2.41
C SER D 181 -32.66 -18.19 -1.85
N ASN D 182 -33.70 -18.45 -1.06
CA ASN D 182 -34.43 -17.42 -0.35
C ASN D 182 -34.01 -17.38 1.11
N GLU D 183 -34.04 -16.19 1.68
CA GLU D 183 -33.72 -15.99 3.09
C GLU D 183 -34.68 -14.95 3.65
N LEU D 184 -35.40 -15.31 4.70
CA LEU D 184 -36.39 -14.43 5.31
C LEU D 184 -35.99 -14.16 6.75
N SER D 185 -35.64 -12.91 7.04
CA SER D 185 -35.56 -12.45 8.43
C SER D 185 -36.91 -11.83 8.75
N PRO D 186 -37.72 -12.45 9.62
CA PRO D 186 -39.13 -12.06 9.76
C PRO D 186 -39.29 -10.68 10.39
N GLY D 187 -39.91 -9.78 9.62
CA GLY D 187 -40.09 -8.41 10.05
C GLY D 187 -38.95 -7.48 9.73
N LYS D 188 -37.85 -8.00 9.18
CA LYS D 188 -36.69 -7.17 8.86
C LYS D 188 -36.43 -7.09 7.36
N HIS D 189 -36.24 -8.23 6.69
CA HIS D 189 -36.00 -8.22 5.25
C HIS D 189 -36.34 -9.59 4.66
N LEU D 190 -36.32 -9.64 3.33
CA LEU D 190 -36.47 -10.89 2.59
C LEU D 190 -35.48 -10.86 1.43
N LYS D 191 -34.47 -11.71 1.49
CA LYS D 191 -33.46 -11.78 0.44
C LYS D 191 -33.74 -12.94 -0.48
N THR D 192 -33.82 -12.66 -1.77
CA THR D 192 -34.07 -13.66 -2.80
C THR D 192 -32.92 -13.62 -3.79
N GLN D 193 -32.43 -14.79 -4.20
CA GLN D 193 -31.28 -14.83 -5.09
C GLN D 193 -31.42 -16.01 -6.04
N LEU D 194 -31.18 -15.75 -7.32
CA LEU D 194 -31.25 -16.76 -8.35
C LEU D 194 -29.88 -16.88 -9.01
N GLU D 195 -29.55 -18.08 -9.46
CA GLU D 195 -28.28 -18.31 -10.15
C GLU D 195 -28.48 -19.42 -11.15
N LEU D 196 -28.20 -19.15 -12.42
CA LEU D 196 -28.28 -20.14 -13.48
C LEU D 196 -26.90 -20.39 -14.05
N ASN D 197 -26.76 -21.54 -14.71
CA ASN D 197 -25.54 -21.87 -15.42
C ASN D 197 -25.93 -22.74 -16.61
N SER D 198 -25.12 -22.70 -17.65
CA SER D 198 -25.41 -23.47 -18.86
C SER D 198 -24.08 -23.73 -19.56
N VAL D 199 -23.70 -24.99 -19.66
CA VAL D 199 -22.44 -25.38 -20.30
C VAL D 199 -22.76 -26.15 -21.56
N LYS D 200 -22.18 -25.72 -22.68
CA LYS D 200 -22.32 -26.39 -23.95
C LYS D 200 -20.93 -26.64 -24.52
N SER D 201 -20.77 -27.73 -25.25
CA SER D 201 -19.50 -28.06 -25.87
C SER D 201 -19.69 -28.37 -27.35
N TRP D 202 -18.75 -27.91 -28.19
CA TRP D 202 -18.81 -28.17 -29.62
C TRP D 202 -17.43 -28.58 -30.14
N MET D 203 -17.11 -29.87 -30.02
CA MET D 203 -16.19 -30.69 -30.81
C MET D 203 -16.19 -32.10 -30.22
N ASN D 204 -15.52 -33.01 -30.91
CA ASN D 204 -15.48 -34.41 -30.50
C ASN D 204 -14.52 -34.67 -29.33
N ASP D 205 -13.63 -33.73 -29.02
CA ASP D 205 -12.74 -33.85 -27.88
C ASP D 205 -13.23 -33.06 -26.66
N ASP D 206 -14.48 -32.61 -26.69
CA ASP D 206 -15.00 -31.57 -25.78
C ASP D 206 -14.07 -30.35 -25.79
N PHE D 207 -13.76 -29.88 -26.99
CA PHE D 207 -12.69 -28.90 -27.19
C PHE D 207 -13.12 -27.49 -26.82
N ILE D 208 -14.13 -26.97 -27.51
CA ILE D 208 -14.61 -25.61 -27.28
C ILE D 208 -15.79 -25.68 -26.32
N THR D 209 -15.59 -25.16 -25.11
CA THR D 209 -16.57 -25.27 -24.04
C THR D 209 -17.20 -23.91 -23.81
N PHE D 210 -18.41 -23.73 -24.33
CA PHE D 210 -19.23 -22.55 -24.10
C PHE D 210 -19.89 -22.64 -22.73
N SER D 211 -19.91 -21.52 -22.01
CA SER D 211 -20.37 -21.51 -20.62
C SER D 211 -20.99 -20.16 -20.29
N THR D 212 -22.29 -20.15 -19.99
CA THR D 212 -23.02 -18.96 -19.60
C THR D 212 -23.37 -19.04 -18.12
N THR D 213 -23.29 -17.91 -17.42
CA THR D 213 -23.72 -17.83 -16.04
C THR D 213 -24.47 -16.51 -15.85
N ILE D 214 -25.66 -16.59 -15.29
CA ILE D 214 -26.44 -15.40 -14.99
C ILE D 214 -26.94 -15.51 -13.55
N LYS D 215 -26.72 -14.45 -12.77
CA LYS D 215 -27.09 -14.41 -11.37
C LYS D 215 -27.88 -13.15 -11.11
N THR D 216 -29.09 -13.30 -10.57
CA THR D 216 -29.93 -12.16 -10.25
C THR D 216 -30.41 -12.28 -8.82
N GLY D 217 -30.75 -11.15 -8.22
CA GLY D 217 -31.17 -11.17 -6.84
C GLY D 217 -31.97 -9.95 -6.46
N TYR D 218 -32.78 -10.11 -5.42
CA TYR D 218 -33.68 -9.08 -4.96
C TYR D 218 -33.72 -9.10 -3.44
N LEU D 219 -33.75 -7.91 -2.83
CA LEU D 219 -33.72 -7.78 -1.38
C LEU D 219 -34.77 -6.75 -0.97
N LYS D 220 -35.88 -7.22 -0.41
CA LYS D 220 -36.99 -6.37 0.00
C LYS D 220 -36.90 -6.07 1.48
N ASN D 221 -37.21 -4.82 1.85
CA ASN D 221 -37.21 -4.38 3.25
C ASN D 221 -38.62 -4.49 3.79
N LEU D 222 -38.88 -5.52 4.59
CA LEU D 222 -40.21 -5.78 5.17
C LEU D 222 -40.35 -5.17 6.56
N SER D 223 -40.06 -3.88 6.74
CA SER D 223 -39.83 -3.39 8.09
C SER D 223 -40.53 -2.06 8.37
N SER D 224 -41.83 -2.01 8.11
CA SER D 224 -42.78 -1.10 8.80
C SER D 224 -42.43 0.38 8.60
N GLN D 225 -42.72 0.84 7.38
CA GLN D 225 -42.51 2.23 6.91
C GLN D 225 -41.02 2.53 6.78
N GLN D 226 -40.27 1.52 6.31
CA GLN D 226 -38.86 1.60 5.94
C GLN D 226 -37.95 1.98 7.12
N SER D 227 -38.31 1.56 8.32
CA SER D 227 -37.37 1.51 9.43
C SER D 227 -36.49 0.27 9.30
N LEU D 228 -35.60 0.07 10.28
CA LEU D 228 -34.77 -1.13 10.47
C LEU D 228 -33.97 -1.48 9.22
N PRO D 229 -32.92 -0.73 8.90
CA PRO D 229 -32.23 -0.91 7.62
C PRO D 229 -31.46 -2.22 7.55
N VAL D 230 -31.32 -2.72 6.34
CA VAL D 230 -30.61 -3.98 6.12
C VAL D 230 -29.13 -3.73 6.31
N HIS D 231 -28.48 -4.64 7.04
CA HIS D 231 -27.07 -4.53 7.35
C HIS D 231 -26.22 -4.68 6.09
N ILE D 232 -25.03 -4.06 6.12
CA ILE D 232 -24.11 -4.03 4.99
C ILE D 232 -23.61 -5.43 4.63
N CYS D 233 -23.58 -6.35 5.61
CA CYS D 233 -23.16 -7.71 5.32
C CYS D 233 -24.25 -8.55 4.67
N ASP D 234 -25.50 -8.10 4.67
CA ASP D 234 -26.58 -8.82 3.99
C ASP D 234 -26.91 -8.25 2.63
N LYS D 235 -26.46 -7.05 2.31
CA LYS D 235 -26.74 -6.47 1.01
C LYS D 235 -25.88 -7.15 -0.07
N PHE D 236 -26.30 -6.99 -1.32
CA PHE D 236 -25.62 -7.61 -2.43
C PHE D 236 -24.37 -6.82 -2.79
N GLN D 237 -23.30 -7.53 -3.11
CA GLN D 237 -22.05 -6.92 -3.56
C GLN D 237 -21.69 -7.48 -4.92
N SER D 238 -20.93 -6.69 -5.68
CA SER D 238 -20.62 -7.04 -7.06
C SER D 238 -19.19 -6.63 -7.38
N GLY D 239 -18.52 -7.44 -8.18
CA GLY D 239 -17.16 -7.19 -8.59
C GLY D 239 -16.18 -8.16 -7.97
N GLY D 240 -15.04 -8.33 -8.64
CA GLY D 240 -13.99 -9.19 -8.16
C GLY D 240 -13.64 -10.30 -9.14
N PRO D 241 -12.65 -11.12 -8.78
CA PRO D 241 -12.28 -12.24 -9.67
C PRO D 241 -13.26 -13.41 -9.60
N SER D 242 -13.91 -13.64 -8.46
CA SER D 242 -14.94 -14.65 -8.33
C SER D 242 -16.33 -14.11 -8.64
N ASP D 243 -16.38 -13.03 -9.41
CA ASP D 243 -17.57 -12.27 -9.76
C ASP D 243 -17.26 -11.67 -11.13
N ILE D 244 -17.84 -10.53 -11.45
CA ILE D 244 -17.53 -9.80 -12.67
C ILE D 244 -16.06 -9.39 -12.65
N ARG D 245 -15.26 -10.05 -13.50
CA ARG D 245 -13.82 -9.81 -13.53
C ARG D 245 -13.51 -8.49 -14.22
N GLY D 246 -12.42 -7.86 -13.79
CA GLY D 246 -12.03 -6.56 -14.29
C GLY D 246 -12.22 -5.45 -13.30
N PHE D 247 -12.79 -5.75 -12.14
CA PHE D 247 -13.01 -4.79 -11.09
C PHE D 247 -12.51 -5.39 -9.78
N GLN D 248 -12.28 -4.54 -8.79
CA GLN D 248 -11.88 -5.06 -7.50
C GLN D 248 -13.09 -5.64 -6.77
N THR D 249 -12.82 -6.40 -5.73
CA THR D 249 -13.88 -6.92 -4.88
C THR D 249 -14.54 -5.77 -4.13
N PHE D 250 -15.88 -5.84 -4.05
CA PHE D 250 -16.74 -4.73 -3.63
C PHE D 250 -16.42 -3.48 -4.43
N GLY D 251 -16.37 -3.64 -5.75
CA GLY D 251 -15.92 -2.58 -6.63
C GLY D 251 -17.01 -1.96 -7.47
N LEU D 252 -18.19 -2.58 -7.50
CA LEU D 252 -19.31 -2.07 -8.27
C LEU D 252 -20.42 -1.59 -7.34
N GLY D 253 -21.43 -0.98 -7.94
CA GLY D 253 -22.60 -0.55 -7.22
C GLY D 253 -22.49 0.87 -6.72
N PRO D 254 -23.47 1.31 -5.94
CA PRO D 254 -23.46 2.68 -5.43
C PRO D 254 -22.50 2.83 -4.26
N ARG D 255 -22.08 4.07 -4.03
CA ARG D 255 -21.17 4.42 -2.96
C ARG D 255 -21.77 5.54 -2.11
N ASP D 256 -21.25 5.67 -0.90
CA ASP D 256 -21.55 6.83 -0.07
C ASP D 256 -20.46 7.89 -0.18
N LEU D 257 -19.23 7.53 0.17
CA LEU D 257 -18.05 8.35 -0.11
C LEU D 257 -17.09 7.65 -1.06
N TYR D 258 -16.55 6.53 -0.62
CA TYR D 258 -15.75 5.64 -1.43
C TYR D 258 -16.04 4.19 -1.06
N ASP D 259 -17.02 3.98 -0.19
CA ASP D 259 -17.33 2.67 0.35
C ASP D 259 -18.50 2.07 -0.41
N ALA D 260 -18.31 0.86 -0.93
CA ALA D 260 -19.38 0.12 -1.59
C ALA D 260 -20.44 -0.21 -0.55
N VAL D 261 -21.57 0.49 -0.61
CA VAL D 261 -22.61 0.37 0.39
C VAL D 261 -23.61 -0.70 -0.03
N GLY D 262 -23.28 -1.44 -1.08
CA GLY D 262 -24.08 -2.57 -1.50
C GLY D 262 -25.36 -2.15 -2.20
N GLY D 263 -26.04 -3.14 -2.77
CA GLY D 263 -27.28 -2.89 -3.46
C GLY D 263 -28.39 -3.78 -2.92
N ASP D 264 -29.61 -3.36 -3.19
CA ASP D 264 -30.79 -4.11 -2.82
C ASP D 264 -31.32 -4.98 -3.96
N ALA D 265 -30.75 -4.86 -5.16
CA ALA D 265 -31.09 -5.72 -6.28
C ALA D 265 -29.91 -5.75 -7.24
N PHE D 266 -29.75 -6.88 -7.93
CA PHE D 266 -28.64 -6.98 -8.86
C PHE D 266 -28.93 -7.98 -9.96
N VAL D 267 -28.16 -7.88 -11.04
CA VAL D 267 -28.04 -8.89 -12.07
C VAL D 267 -26.56 -8.96 -12.43
N SER D 268 -26.07 -10.16 -12.71
CA SER D 268 -24.65 -10.31 -13.05
C SER D 268 -24.51 -11.48 -14.02
N TYR D 269 -24.43 -11.16 -15.30
CA TYR D 269 -24.34 -12.18 -16.34
C TYR D 269 -22.87 -12.52 -16.60
N GLY D 270 -22.65 -13.47 -17.50
CA GLY D 270 -21.31 -13.91 -17.82
C GLY D 270 -21.28 -14.86 -18.99
N LEU D 271 -20.19 -14.84 -19.73
CA LEU D 271 -19.99 -15.72 -20.88
C LEU D 271 -18.53 -16.12 -20.88
N SER D 272 -18.25 -17.37 -21.27
CA SER D 272 -16.87 -17.85 -21.24
C SER D 272 -16.68 -18.94 -22.29
N VAL D 273 -15.52 -18.93 -22.92
CA VAL D 273 -15.13 -19.96 -23.88
C VAL D 273 -13.82 -20.57 -23.38
N PHE D 274 -13.68 -21.88 -23.54
CA PHE D 274 -12.48 -22.62 -23.17
C PHE D 274 -12.02 -23.41 -24.38
N SER D 275 -10.72 -23.34 -24.71
CA SER D 275 -10.27 -23.82 -26.02
C SER D 275 -9.10 -24.80 -25.94
N ARG D 276 -8.90 -25.47 -24.80
CA ARG D 276 -8.12 -26.70 -24.65
C ARG D 276 -6.62 -26.59 -24.94
N LEU D 277 -6.07 -25.39 -25.21
CA LEU D 277 -4.63 -25.12 -25.36
C LEU D 277 -4.00 -25.96 -26.48
N PRO D 278 -4.24 -25.62 -27.76
CA PRO D 278 -3.96 -26.56 -28.85
C PRO D 278 -2.50 -26.88 -29.12
N TRP D 279 -1.83 -27.52 -28.16
CA TRP D 279 -0.50 -28.08 -28.39
C TRP D 279 -0.58 -29.60 -28.24
N LYS D 280 0.29 -30.29 -28.97
CA LYS D 280 0.17 -31.74 -29.14
C LYS D 280 0.45 -32.52 -27.85
N LYS D 281 1.38 -32.04 -27.03
CA LYS D 281 1.77 -32.81 -25.85
C LYS D 281 0.80 -32.62 -24.70
N VAL D 282 0.22 -31.42 -24.59
CA VAL D 282 -0.38 -30.98 -23.34
C VAL D 282 -1.91 -30.97 -23.44
N GLU D 283 -2.45 -31.58 -24.50
CA GLU D 283 -3.88 -31.53 -24.75
C GLU D 283 -4.66 -32.61 -24.01
N LYS D 284 -4.15 -33.09 -22.89
CA LYS D 284 -4.84 -34.03 -22.03
C LYS D 284 -5.02 -33.45 -20.64
N SER D 285 -4.62 -32.20 -20.47
CA SER D 285 -4.52 -31.54 -19.18
C SER D 285 -5.76 -30.70 -18.90
N ASN D 286 -5.71 -29.95 -17.80
CA ASN D 286 -6.77 -29.06 -17.38
C ASN D 286 -6.52 -27.61 -17.75
N PHE D 287 -5.51 -27.33 -18.57
CA PHE D 287 -5.21 -25.97 -19.00
C PHE D 287 -6.07 -25.62 -20.20
N ARG D 288 -6.87 -24.56 -20.09
CA ARG D 288 -7.73 -24.10 -21.16
C ARG D 288 -7.44 -22.63 -21.46
N LEU D 289 -7.67 -22.24 -22.70
CA LEU D 289 -7.56 -20.84 -23.11
C LEU D 289 -8.90 -20.15 -22.87
N HIS D 290 -8.89 -19.10 -22.07
CA HIS D 290 -10.11 -18.52 -21.53
C HIS D 290 -10.33 -17.12 -22.08
N TRP D 291 -11.34 -16.96 -22.91
CA TRP D 291 -11.91 -15.66 -23.24
C TRP D 291 -13.25 -15.54 -22.52
N PHE D 292 -13.46 -14.43 -21.82
CA PHE D 292 -14.71 -14.25 -21.09
C PHE D 292 -15.34 -12.91 -21.46
N PHE D 293 -16.58 -12.74 -21.03
CA PHE D 293 -17.25 -11.45 -21.07
C PHE D 293 -18.18 -11.38 -19.86
N ASN D 294 -17.85 -10.54 -18.91
CA ASN D 294 -18.63 -10.39 -17.69
C ASN D 294 -19.29 -9.02 -17.65
N GLY D 295 -20.21 -8.85 -16.72
CA GLY D 295 -20.87 -7.57 -16.57
C GLY D 295 -22.08 -7.70 -15.69
N GLY D 296 -22.55 -6.56 -15.21
CA GLY D 296 -23.71 -6.56 -14.33
C GLY D 296 -23.98 -5.20 -13.75
N LYS D 297 -25.03 -5.15 -12.95
CA LYS D 297 -25.56 -3.92 -12.39
C LYS D 297 -25.98 -4.18 -10.94
N LEU D 298 -25.79 -3.19 -10.08
CA LEU D 298 -26.10 -3.30 -8.66
C LEU D 298 -26.79 -2.01 -8.21
N VAL D 299 -28.08 -2.09 -7.88
CA VAL D 299 -28.88 -0.91 -7.62
C VAL D 299 -29.40 -0.90 -6.20
N ASN D 300 -29.69 0.31 -5.72
CA ASN D 300 -30.45 0.53 -4.49
C ASN D 300 -31.85 0.95 -4.93
N HIS D 301 -32.76 0.00 -5.05
CA HIS D 301 -34.08 0.29 -5.57
C HIS D 301 -34.96 0.94 -4.51
N ASP D 302 -36.09 1.48 -4.95
CA ASP D 302 -37.16 1.84 -4.05
C ASP D 302 -38.15 0.68 -3.95
N ASN D 303 -38.62 0.41 -2.74
CA ASN D 303 -39.33 -0.82 -2.43
C ASN D 303 -40.80 -0.81 -2.86
N THR D 304 -41.19 0.08 -3.78
CA THR D 304 -42.58 0.19 -4.20
C THR D 304 -42.96 -0.78 -5.31
N SER D 305 -42.16 -0.86 -6.38
CA SER D 305 -42.54 -1.59 -7.57
C SER D 305 -41.43 -2.52 -8.03
N LEU D 306 -41.82 -3.69 -8.54
CA LEU D 306 -40.89 -4.56 -9.24
C LEU D 306 -40.63 -4.10 -10.67
N GLY D 307 -41.45 -3.18 -11.18
CA GLY D 307 -41.21 -2.65 -12.51
C GLY D 307 -40.13 -1.60 -12.56
N ASN D 308 -40.05 -0.75 -11.55
CA ASN D 308 -38.93 0.19 -11.44
C ASN D 308 -37.66 -0.46 -10.91
N CYS D 309 -37.78 -1.66 -10.33
CA CYS D 309 -36.58 -2.41 -9.96
C CYS D 309 -35.88 -2.95 -11.19
N ILE D 310 -36.64 -3.49 -12.14
CA ILE D 310 -36.09 -3.98 -13.40
C ILE D 310 -35.70 -2.81 -14.30
N GLY D 311 -36.34 -1.65 -14.14
CA GLY D 311 -36.09 -0.52 -15.03
C GLY D 311 -34.71 0.07 -14.86
N GLN D 312 -34.22 0.17 -13.63
CA GLN D 312 -32.85 0.61 -13.43
C GLN D 312 -31.85 -0.52 -13.53
N LEU D 313 -32.30 -1.76 -13.55
CA LEU D 313 -31.43 -2.92 -13.61
C LEU D 313 -31.00 -3.27 -15.03
N SER D 314 -31.35 -2.45 -16.02
CA SER D 314 -30.99 -2.74 -17.40
C SER D 314 -30.54 -1.52 -18.19
N LYS D 315 -30.11 -0.43 -17.54
CA LYS D 315 -29.89 0.81 -18.27
C LYS D 315 -28.41 1.22 -18.30
N GLU D 316 -27.66 0.94 -17.22
CA GLU D 316 -26.33 1.52 -17.00
C GLU D 316 -25.45 0.40 -16.45
N HIS D 317 -24.88 -0.41 -17.32
CA HIS D 317 -24.15 -1.59 -16.87
C HIS D 317 -22.64 -1.36 -16.90
N SER D 318 -21.93 -2.15 -16.10
CA SER D 318 -20.48 -2.11 -16.02
C SER D 318 -19.97 -3.48 -16.48
N THR D 319 -19.50 -3.55 -17.72
CA THR D 319 -19.12 -4.81 -18.34
C THR D 319 -17.61 -4.87 -18.56
N SER D 320 -17.12 -6.08 -18.83
CA SER D 320 -15.72 -6.27 -19.16
C SER D 320 -15.56 -7.59 -19.89
N THR D 321 -14.64 -7.60 -20.86
CA THR D 321 -14.15 -8.83 -21.45
C THR D 321 -12.66 -8.93 -21.17
N GLY D 322 -12.07 -10.05 -21.57
CA GLY D 322 -10.66 -10.28 -21.32
C GLY D 322 -10.22 -11.67 -21.70
N ILE D 323 -8.97 -11.80 -22.13
CA ILE D 323 -8.38 -13.08 -22.52
C ILE D 323 -7.52 -13.56 -21.37
N GLY D 324 -7.48 -14.89 -21.20
CA GLY D 324 -6.71 -15.45 -20.11
C GLY D 324 -6.36 -16.91 -20.27
N LEU D 325 -5.81 -17.50 -19.22
CA LEU D 325 -5.51 -18.92 -19.15
C LEU D 325 -6.09 -19.45 -17.86
N VAL D 326 -6.66 -20.64 -17.89
CA VAL D 326 -7.35 -21.21 -16.74
C VAL D 326 -6.87 -22.65 -16.52
N LEU D 327 -6.53 -22.97 -15.28
CA LEU D 327 -6.26 -24.33 -14.85
C LEU D 327 -7.37 -24.76 -13.91
N ARG D 328 -7.86 -25.99 -14.07
CA ARG D 328 -8.98 -26.51 -13.29
C ARG D 328 -8.51 -27.70 -12.47
N HIS D 329 -8.06 -27.42 -11.24
CA HIS D 329 -7.66 -28.44 -10.29
C HIS D 329 -8.90 -29.06 -9.63
N PRO D 330 -8.72 -30.14 -8.85
CA PRO D 330 -9.84 -30.63 -8.02
C PRO D 330 -10.44 -29.60 -7.06
N MET D 331 -9.66 -28.97 -6.18
CA MET D 331 -10.29 -28.09 -5.20
C MET D 331 -10.31 -26.64 -5.63
N ALA D 332 -9.73 -26.32 -6.78
CA ALA D 332 -9.58 -24.91 -7.12
C ALA D 332 -9.57 -24.76 -8.63
N ARG D 333 -9.84 -23.54 -9.07
CA ARG D 333 -9.77 -23.17 -10.47
C ARG D 333 -8.85 -21.97 -10.56
N PHE D 334 -7.63 -22.18 -11.03
CA PHE D 334 -6.64 -21.13 -11.11
C PHE D 334 -6.84 -20.37 -12.42
N GLU D 335 -7.03 -19.07 -12.33
CA GLU D 335 -7.27 -18.22 -13.49
C GLU D 335 -6.23 -17.13 -13.55
N LEU D 336 -5.60 -16.97 -14.70
CA LEU D 336 -4.63 -15.90 -14.96
C LEU D 336 -5.16 -15.11 -16.15
N ASN D 337 -5.91 -14.06 -15.87
CA ASN D 337 -6.59 -13.29 -16.91
C ASN D 337 -5.88 -11.97 -17.14
N PHE D 338 -5.91 -11.52 -18.40
CA PHE D 338 -5.63 -10.14 -18.75
C PHE D 338 -6.97 -9.52 -19.12
N THR D 339 -7.38 -8.50 -18.39
CA THR D 339 -8.76 -8.02 -18.47
C THR D 339 -8.76 -6.52 -18.73
N LEU D 340 -9.64 -6.09 -19.63
CA LEU D 340 -9.88 -4.67 -19.89
C LEU D 340 -11.37 -4.37 -19.74
N PRO D 341 -11.76 -3.38 -18.92
CA PRO D 341 -13.17 -3.04 -18.80
C PRO D 341 -13.71 -2.25 -19.98
N ILE D 342 -14.69 -2.81 -20.69
CA ILE D 342 -15.28 -2.10 -21.81
C ILE D 342 -16.13 -0.94 -21.32
N THR D 343 -17.14 -1.24 -20.51
CA THR D 343 -18.07 -0.26 -20.01
C THR D 343 -17.98 -0.26 -18.49
N ALA D 344 -17.96 0.92 -17.89
CA ALA D 344 -17.88 0.97 -16.45
C ALA D 344 -18.67 2.15 -15.94
N HIS D 345 -19.07 2.08 -14.68
CA HIS D 345 -19.64 3.24 -14.01
C HIS D 345 -18.50 4.18 -13.64
N GLU D 346 -18.84 5.29 -13.01
CA GLU D 346 -17.79 6.27 -12.78
C GLU D 346 -17.03 5.92 -11.51
N ASN D 347 -17.76 5.63 -10.44
CA ASN D 347 -17.21 5.38 -9.12
C ASN D 347 -16.79 3.93 -8.90
N ASP D 348 -16.58 3.16 -9.97
CA ASP D 348 -16.16 1.78 -9.87
C ASP D 348 -14.65 1.69 -9.62
N LEU D 349 -14.25 0.55 -9.06
CA LEU D 349 -12.85 0.29 -8.74
C LEU D 349 -12.28 -0.62 -9.83
N ILE D 350 -11.66 -0.01 -10.83
CA ILE D 350 -11.12 -0.71 -11.99
C ILE D 350 -9.88 -1.49 -11.58
N ARG D 351 -9.79 -2.75 -12.03
CA ARG D 351 -8.56 -3.52 -11.98
C ARG D 351 -8.31 -4.10 -13.37
N LYS D 352 -7.69 -3.32 -14.24
CA LYS D 352 -7.31 -3.80 -15.56
C LYS D 352 -5.88 -4.29 -15.56
N GLY D 353 -5.52 -4.98 -16.63
CA GLY D 353 -4.22 -5.63 -16.69
C GLY D 353 -4.32 -7.06 -16.20
N PHE D 354 -3.23 -7.59 -15.65
CA PHE D 354 -3.22 -8.97 -15.21
C PHE D 354 -3.91 -9.11 -13.86
N GLN D 355 -4.52 -10.27 -13.65
CA GLN D 355 -5.31 -10.51 -12.45
C GLN D 355 -5.34 -12.01 -12.18
N PHE D 356 -4.90 -12.40 -10.99
CA PHE D 356 -4.90 -13.82 -10.62
C PHE D 356 -6.25 -14.19 -10.03
N GLY D 357 -6.82 -15.27 -10.52
CA GLY D 357 -8.11 -15.76 -10.03
C GLY D 357 -7.94 -17.12 -9.39
N LEU D 358 -8.60 -17.31 -8.26
CA LEU D 358 -8.41 -18.52 -7.47
C LEU D 358 -9.65 -18.72 -6.60
N GLY D 359 -10.21 -19.92 -6.63
CA GLY D 359 -11.39 -20.19 -5.84
C GLY D 359 -12.18 -21.36 -6.43
N LEU D 360 -13.49 -21.32 -6.20
CA LEU D 360 -14.38 -22.38 -6.66
C LEU D 360 -15.63 -21.87 -7.36
N ALA D 361 -16.04 -20.62 -7.17
CA ALA D 361 -17.29 -20.10 -7.70
C ALA D 361 -16.99 -18.87 -8.53
N PHE D 362 -17.05 -19.02 -9.85
CA PHE D 362 -16.79 -17.93 -10.78
C PHE D 362 -18.03 -17.64 -11.60
N LEU D 363 -18.22 -16.36 -11.94
CA LEU D 363 -19.39 -15.91 -12.69
C LEU D 363 -19.13 -14.58 -13.39
#